data_9C06
# 
_entry.id   9C06 
# 
_audit_conform.dict_name       mmcif_pdbx.dic 
_audit_conform.dict_version    5.407 
_audit_conform.dict_location   http://mmcif.pdb.org/dictionaries/ascii/mmcif_pdbx.dic 
# 
loop_
_database_2.database_id 
_database_2.database_code 
_database_2.pdbx_database_accession 
_database_2.pdbx_DOI 
PDB   9C06         pdb_00009c06 10.2210/pdb9c06/pdb 
WWPDB D_1000284298 ?            ?                   
# 
_pdbx_audit_revision_history.ordinal             1 
_pdbx_audit_revision_history.data_content_type   'Structure model' 
_pdbx_audit_revision_history.major_revision      1 
_pdbx_audit_revision_history.minor_revision      0 
_pdbx_audit_revision_history.revision_date       2025-11-26 
_pdbx_audit_revision_history.part_number         ? 
# 
_pdbx_audit_revision_details.ordinal             1 
_pdbx_audit_revision_details.revision_ordinal    1 
_pdbx_audit_revision_details.data_content_type   'Structure model' 
_pdbx_audit_revision_details.provider            repository 
_pdbx_audit_revision_details.type                'Initial release' 
_pdbx_audit_revision_details.description         ? 
_pdbx_audit_revision_details.details             ? 
# 
_pdbx_database_status.status_code                     REL 
_pdbx_database_status.status_code_sf                  REL 
_pdbx_database_status.status_code_mr                  ? 
_pdbx_database_status.entry_id                        9C06 
_pdbx_database_status.recvd_initial_deposition_date   2024-05-24 
_pdbx_database_status.SG_entry                        N 
_pdbx_database_status.deposit_site                    RCSB 
_pdbx_database_status.process_site                    RCSB 
_pdbx_database_status.status_code_cs                  ? 
_pdbx_database_status.status_code_nmr_data            ? 
_pdbx_database_status.methods_development_category    ? 
_pdbx_database_status.pdb_format_compatible           Y 
# 
_pdbx_contact_author.id                 2 
_pdbx_contact_author.email              andyn@uic.edu 
_pdbx_contact_author.name_first         Andy 
_pdbx_contact_author.name_last          Nguyen 
_pdbx_contact_author.name_mi            I 
_pdbx_contact_author.role               'principal investigator/group leader' 
_pdbx_contact_author.identifier_ORCID   0000-0003-4137-6453 
# 
loop_
_audit_author.name 
_audit_author.pdbx_ordinal 
_audit_author.identifier_ORCID 
'Heinz-Kunert, S.L.' 1 0009-0002-5884-1294 
'Nguyen, A.I.'       2 0000-0003-4137-6453 
# 
_citation.abstract                  ? 
_citation.abstract_id_CAS           ? 
_citation.book_id_ISBN              ? 
_citation.book_publisher            ? 
_citation.book_publisher_city       ? 
_citation.book_title                ? 
_citation.coordinate_linkage        ? 
_citation.country                   ? 
_citation.database_id_Medline       ? 
_citation.details                   ? 
_citation.id                        primary 
_citation.journal_abbrev            'To Be Published' 
_citation.journal_id_ASTM           ? 
_citation.journal_id_CSD            0353 
_citation.journal_id_ISSN           ? 
_citation.journal_full              ? 
_citation.journal_issue             ? 
_citation.journal_volume            ? 
_citation.language                  ? 
_citation.page_first                ? 
_citation.page_last                 ? 
_citation.title                     'Evolvable conformational diversity in assemblies of short peptides' 
_citation.year                      ? 
_citation.database_id_CSD           ? 
_citation.pdbx_database_id_DOI      ? 
_citation.pdbx_database_id_PubMed   ? 
_citation.pdbx_database_id_patent   ? 
_citation.unpublished_flag          ? 
# 
loop_
_citation_author.citation_id 
_citation_author.name 
_citation_author.ordinal 
_citation_author.identifier_ORCID 
primary 'Heinz-Kunert, S.L.' 1 0009-0002-5884-1294 
primary 'Nguyen, A.I.'       2 0000-0003-4137-6453 
# 
loop_
_entity.id 
_entity.type 
_entity.src_method 
_entity.pdbx_description 
_entity.formula_weight 
_entity.pdbx_number_of_molecules 
_entity.pdbx_ec 
_entity.pdbx_mutation 
_entity.pdbx_fragment 
_entity.details 
1 polymer     syn 'UIC-1-A4S/B5F(4-Cl)/B7M'                               1055.719 1 ? ? ? ? 
2 non-polymer syn "5'-(hydrazinecarbonyl)[2,2'-bipyridine]-5-carboxamide" 257.248  1 ? ? ? ? 
3 non-polymer syn 
;ethyl 5'-formyl[2,2'-bipyridine]-5-carboxylate
;
272.256  1 ? ? ? ? 
4 non-polymer syn ORTHO-XYLENE                                            106.165  3 ? ? ? ? 
# 
_entity_poly.entity_id                      1 
_entity_poly.type                           'polypeptide(L)' 
_entity_poly.nstd_linkage                   no 
_entity_poly.nstd_monomer                   yes 
_entity_poly.pdbx_seq_one_letter_code       'L(AIB)S(200)LMQ(AIB)L' 
_entity_poly.pdbx_seq_one_letter_code_can   LASFLMQAL 
_entity_poly.pdbx_strand_id                 A 
_entity_poly.pdbx_target_identifier         ? 
# 
loop_
_pdbx_entity_nonpoly.entity_id 
_pdbx_entity_nonpoly.name 
_pdbx_entity_nonpoly.comp_id 
2 "5'-(hydrazinecarbonyl)[2,2'-bipyridine]-5-carboxamide" I77 
3 
;ethyl 5'-formyl[2,2'-bipyridine]-5-carboxylate
;
I6W 
4 ORTHO-XYLENE                                            OXE 
# 
loop_
_entity_poly_seq.entity_id 
_entity_poly_seq.num 
_entity_poly_seq.mon_id 
_entity_poly_seq.hetero 
1 1 LEU n 
1 2 AIB n 
1 3 SER n 
1 4 200 n 
1 5 LEU n 
1 6 MET n 
1 7 GLN n 
1 8 AIB n 
1 9 LEU n 
# 
_pdbx_entity_src_syn.entity_id              1 
_pdbx_entity_src_syn.pdbx_src_id            1 
_pdbx_entity_src_syn.pdbx_alt_source_flag   sample 
_pdbx_entity_src_syn.pdbx_beg_seq_num       1 
_pdbx_entity_src_syn.pdbx_end_seq_num       9 
_pdbx_entity_src_syn.organism_scientific    'synthetic construct' 
_pdbx_entity_src_syn.organism_common_name   ? 
_pdbx_entity_src_syn.ncbi_taxonomy_id       32630 
_pdbx_entity_src_syn.details                ? 
# 
loop_
_chem_comp.id 
_chem_comp.type 
_chem_comp.mon_nstd_flag 
_chem_comp.name 
_chem_comp.pdbx_synonyms 
_chem_comp.formula 
_chem_comp.formula_weight 
200 'L-peptide linking' n 4-CHLORO-L-PHENYLALANINE                                ? 'C9 H10 Cl N O2' 199.634 
AIB 'L-peptide linking' n 'ALPHA-AMINOISOBUTYRIC ACID'                            ? 'C4 H9 N O2'     103.120 
GLN 'L-peptide linking' y GLUTAMINE                                               ? 'C5 H10 N2 O3'   146.144 
I6W non-polymer         . 
;ethyl 5'-formyl[2,2'-bipyridine]-5-carboxylate
;
? 'C14 H12 N2 O4'  272.256 
I77 non-polymer         . "5'-(hydrazinecarbonyl)[2,2'-bipyridine]-5-carboxamide" ? 'C12 H11 N5 O2'  257.248 
LEU 'L-peptide linking' y LEUCINE                                                 ? 'C6 H13 N O2'    131.173 
MET 'L-peptide linking' y METHIONINE                                              ? 'C5 H11 N O2 S'  149.211 
OXE non-polymer         . ORTHO-XYLENE                                            ? 'C8 H10'         106.165 
SER 'L-peptide linking' y SERINE                                                  ? 'C3 H7 N O3'     105.093 
# 
loop_
_pdbx_poly_seq_scheme.asym_id 
_pdbx_poly_seq_scheme.entity_id 
_pdbx_poly_seq_scheme.seq_id 
_pdbx_poly_seq_scheme.mon_id 
_pdbx_poly_seq_scheme.ndb_seq_num 
_pdbx_poly_seq_scheme.pdb_seq_num 
_pdbx_poly_seq_scheme.auth_seq_num 
_pdbx_poly_seq_scheme.pdb_mon_id 
_pdbx_poly_seq_scheme.auth_mon_id 
_pdbx_poly_seq_scheme.pdb_strand_id 
_pdbx_poly_seq_scheme.pdb_ins_code 
_pdbx_poly_seq_scheme.hetero 
A 1 1 LEU 1 2  2  LEU LEU A . n 
A 1 2 AIB 2 3  3  AIB AIB A . n 
A 1 3 SER 3 4  4  SER SER A . n 
A 1 4 200 4 5  5  200 200 A . n 
A 1 5 LEU 5 6  6  LEU LEU A . n 
A 1 6 MET 6 7  7  MET MET A . n 
A 1 7 GLN 7 8  8  GLN GLN A . n 
A 1 8 AIB 8 9  9  AIB AIB A . n 
A 1 9 LEU 9 10 10 LEU LEU A . n 
# 
loop_
_pdbx_entity_instance_feature.ordinal 
_pdbx_entity_instance_feature.comp_id 
_pdbx_entity_instance_feature.asym_id 
_pdbx_entity_instance_feature.seq_num 
_pdbx_entity_instance_feature.auth_comp_id 
_pdbx_entity_instance_feature.auth_asym_id 
_pdbx_entity_instance_feature.auth_seq_num 
_pdbx_entity_instance_feature.feature_type 
_pdbx_entity_instance_feature.details 
1 I6W ? ? I6W ? ? 'SUBJECT OF INVESTIGATION' ? 
2 I77 ? ? I77 ? ? 'SUBJECT OF INVESTIGATION' ? 
3 OXE ? ? OXE ? ? 'SUBJECT OF INVESTIGATION' ? 
4 AIB ? ? AIB ? ? 'SUBJECT OF INVESTIGATION' ? 
5 200 ? ? 200 ? ? 'SUBJECT OF INVESTIGATION' ? 
# 
loop_
_pdbx_nonpoly_scheme.asym_id 
_pdbx_nonpoly_scheme.entity_id 
_pdbx_nonpoly_scheme.mon_id 
_pdbx_nonpoly_scheme.ndb_seq_num 
_pdbx_nonpoly_scheme.pdb_seq_num 
_pdbx_nonpoly_scheme.auth_seq_num 
_pdbx_nonpoly_scheme.pdb_mon_id 
_pdbx_nonpoly_scheme.auth_mon_id 
_pdbx_nonpoly_scheme.pdb_strand_id 
_pdbx_nonpoly_scheme.pdb_ins_code 
B 2 I77 1 101 11 I77 BPH A . 
C 3 I6W 1 102 1  I6W BPE A . 
D 4 OXE 1 103 1  OXE OXE A . 
E 4 OXE 1 104 2  OXE OXE A . 
F 4 OXE 1 105 3  OXE OXE A . 
# 
loop_
_software.citation_id 
_software.classification 
_software.compiler_name 
_software.compiler_version 
_software.contact_author 
_software.contact_author_email 
_software.date 
_software.description 
_software.dependencies 
_software.hardware 
_software.language 
_software.location 
_software.mods 
_software.name 
_software.os 
_software.os_version 
_software.type 
_software.version 
_software.pdbx_ordinal 
? refinement       ? ? ? ? ? ? ? ? ? ? ? PHENIX ? ? ? 1.20.1_4487 1 
? 'data reduction' ? ? ? ? ? ? ? ? ? ? ? XDS    ? ? ? .           2 
? 'data scaling'   ? ? ? ? ? ? ? ? ? ? ? XDS    ? ? ? .           3 
? phasing          ? ? ? ? ? ? ? ? ? ? ? PHASER ? ? ? .           4 
# 
_cell.angle_alpha                  90.000 
_cell.angle_alpha_esd              ? 
_cell.angle_beta                   95.000 
_cell.angle_beta_esd               ? 
_cell.angle_gamma                  90.000 
_cell.angle_gamma_esd              ? 
_cell.entry_id                     9C06 
_cell.details                      ? 
_cell.formula_units_Z              ? 
_cell.length_a                     13.553 
_cell.length_a_esd                 ? 
_cell.length_b                     13.461 
_cell.length_b_esd                 ? 
_cell.length_c                     30.458 
_cell.length_c_esd                 ? 
_cell.volume                       5535.519 
_cell.volume_esd                   ? 
_cell.Z_PDB                        2 
_cell.reciprocal_angle_alpha       ? 
_cell.reciprocal_angle_beta        ? 
_cell.reciprocal_angle_gamma       ? 
_cell.reciprocal_angle_alpha_esd   ? 
_cell.reciprocal_angle_beta_esd    ? 
_cell.reciprocal_angle_gamma_esd   ? 
_cell.reciprocal_length_a          ? 
_cell.reciprocal_length_b          ? 
_cell.reciprocal_length_c          ? 
_cell.reciprocal_length_a_esd      ? 
_cell.reciprocal_length_b_esd      ? 
_cell.reciprocal_length_c_esd      ? 
_cell.pdbx_unique_axis             ? 
_cell.pdbx_esd_method              ? 
# 
_symmetry.entry_id                         9C06 
_symmetry.cell_setting                     ? 
_symmetry.Int_Tables_number                4 
_symmetry.space_group_name_Hall            'P 2yb' 
_symmetry.space_group_name_H-M             'P 1 21 1' 
_symmetry.pdbx_full_space_group_name_H-M   ? 
# 
_exptl.absorpt_coefficient_mu     ? 
_exptl.absorpt_correction_T_max   ? 
_exptl.absorpt_correction_T_min   ? 
_exptl.absorpt_correction_type    ? 
_exptl.absorpt_process_details    ? 
_exptl.entry_id                   9C06 
_exptl.crystals_number            1 
_exptl.details                    ? 
_exptl.method                     'X-RAY DIFFRACTION' 
_exptl.method_details             ? 
# 
_exptl_crystal.colour                       ? 
_exptl_crystal.density_diffrn               ? 
_exptl_crystal.density_Matthews             1.44 
_exptl_crystal.density_method               ? 
_exptl_crystal.density_percent_sol          14.58 
_exptl_crystal.description                  ? 
_exptl_crystal.F_000                        ? 
_exptl_crystal.id                           1 
_exptl_crystal.preparation                  ? 
_exptl_crystal.size_max                     ? 
_exptl_crystal.size_mid                     ? 
_exptl_crystal.size_min                     ? 
_exptl_crystal.size_rad                     ? 
_exptl_crystal.colour_lustre                ? 
_exptl_crystal.colour_modifier              ? 
_exptl_crystal.colour_primary               ? 
_exptl_crystal.density_meas                 ? 
_exptl_crystal.density_meas_esd             ? 
_exptl_crystal.density_meas_gt              ? 
_exptl_crystal.density_meas_lt              ? 
_exptl_crystal.density_meas_temp            ? 
_exptl_crystal.density_meas_temp_esd        ? 
_exptl_crystal.density_meas_temp_gt         ? 
_exptl_crystal.density_meas_temp_lt         ? 
_exptl_crystal.pdbx_crystal_image_url       ? 
_exptl_crystal.pdbx_crystal_image_format    ? 
_exptl_crystal.pdbx_mosaicity               ? 
_exptl_crystal.pdbx_mosaicity_esd           ? 
_exptl_crystal.pdbx_mosaic_method           ? 
_exptl_crystal.pdbx_mosaic_block_size       ? 
_exptl_crystal.pdbx_mosaic_block_size_esd   ? 
# 
_exptl_crystal_grow.apparatus       ? 
_exptl_crystal_grow.atmosphere      ? 
_exptl_crystal_grow.crystal_id      1 
_exptl_crystal_grow.details         ? 
_exptl_crystal_grow.method          'SLOW COOLING' 
_exptl_crystal_grow.method_ref      ? 
_exptl_crystal_grow.pH              ? 
_exptl_crystal_grow.pressure        ? 
_exptl_crystal_grow.pressure_esd    ? 
_exptl_crystal_grow.seeding         ? 
_exptl_crystal_grow.seeding_ref     ? 
_exptl_crystal_grow.temp_details    ? 
_exptl_crystal_grow.temp_esd        ? 
_exptl_crystal_grow.time            ? 
_exptl_crystal_grow.pdbx_details    'acetonitrile, water' 
_exptl_crystal_grow.pdbx_pH_range   ? 
_exptl_crystal_grow.temp            298 
# 
_diffrn.ambient_environment              ? 
_diffrn.ambient_temp                     100 
_diffrn.ambient_temp_details             ? 
_diffrn.ambient_temp_esd                 ? 
_diffrn.crystal_id                       1 
_diffrn.crystal_support                  ? 
_diffrn.crystal_treatment                ? 
_diffrn.details                          ? 
_diffrn.id                               1 
_diffrn.ambient_pressure                 ? 
_diffrn.ambient_pressure_esd             ? 
_diffrn.ambient_pressure_gt              ? 
_diffrn.ambient_pressure_lt              ? 
_diffrn.ambient_temp_gt                  ? 
_diffrn.ambient_temp_lt                  ? 
_diffrn.pdbx_serial_crystal_experiment   N 
# 
_diffrn_detector.details                      ? 
_diffrn_detector.detector                     PIXEL 
_diffrn_detector.diffrn_id                    1 
_diffrn_detector.type                         'DECTRIS EIGER X 9M' 
_diffrn_detector.area_resol_mean              ? 
_diffrn_detector.dtime                        ? 
_diffrn_detector.pdbx_frames_total            ? 
_diffrn_detector.pdbx_collection_time_total   ? 
_diffrn_detector.pdbx_collection_date         2023-06-09 
_diffrn_detector.pdbx_frequency               ? 
_diffrn_detector.id                           ? 
_diffrn_detector.number_of_axes               ? 
# 
_diffrn_radiation.collimation                      ? 
_diffrn_radiation.diffrn_id                        1 
_diffrn_radiation.filter_edge                      ? 
_diffrn_radiation.inhomogeneity                    ? 
_diffrn_radiation.monochromator                    ? 
_diffrn_radiation.polarisn_norm                    ? 
_diffrn_radiation.polarisn_ratio                   ? 
_diffrn_radiation.probe                            ? 
_diffrn_radiation.type                             ? 
_diffrn_radiation.xray_symbol                      ? 
_diffrn_radiation.wavelength_id                    1 
_diffrn_radiation.pdbx_monochromatic_or_laue_m_l   M 
_diffrn_radiation.pdbx_wavelength_list             ? 
_diffrn_radiation.pdbx_wavelength                  ? 
_diffrn_radiation.pdbx_diffrn_protocol             'SINGLE WAVELENGTH' 
_diffrn_radiation.pdbx_analyzer                    ? 
_diffrn_radiation.pdbx_scattering_type             x-ray 
# 
_diffrn_radiation_wavelength.id           1 
_diffrn_radiation_wavelength.wavelength   0.688802 
_diffrn_radiation_wavelength.wt           1.0 
# 
_diffrn_source.current                     ? 
_diffrn_source.details                     ? 
_diffrn_source.diffrn_id                   1 
_diffrn_source.power                       ? 
_diffrn_source.size                        ? 
_diffrn_source.source                      SYNCHROTRON 
_diffrn_source.target                      ? 
_diffrn_source.type                        'ESRF BEAMLINE ID23-1' 
_diffrn_source.voltage                     ? 
_diffrn_source.take-off_angle              ? 
_diffrn_source.pdbx_wavelength_list        0.688802 
_diffrn_source.pdbx_wavelength             ? 
_diffrn_source.pdbx_synchrotron_beamline   ID23-1 
_diffrn_source.pdbx_synchrotron_site       ESRF 
# 
_reflns.B_iso_Wilson_estimate                          8.05 
_reflns.entry_id                                       9C06 
_reflns.data_reduction_details                         ? 
_reflns.data_reduction_method                          ? 
_reflns.d_resolution_high                              0.85 
_reflns.d_resolution_low                               10.07 
_reflns.details                                        ? 
_reflns.limit_h_max                                    ? 
_reflns.limit_h_min                                    ? 
_reflns.limit_k_max                                    ? 
_reflns.limit_k_min                                    ? 
_reflns.limit_l_max                                    ? 
_reflns.limit_l_min                                    ? 
_reflns.number_all                                     ? 
_reflns.number_obs                                     9835 
_reflns.observed_criterion                             ? 
_reflns.observed_criterion_F_max                       ? 
_reflns.observed_criterion_F_min                       ? 
_reflns.observed_criterion_I_max                       ? 
_reflns.observed_criterion_I_min                       ? 
_reflns.observed_criterion_sigma_F                     ? 
_reflns.observed_criterion_sigma_I                     ? 
_reflns.percent_possible_obs                           99.33 
_reflns.R_free_details                                 ? 
_reflns.Rmerge_F_all                                   ? 
_reflns.Rmerge_F_obs                                   ? 
_reflns.Friedel_coverage                               ? 
_reflns.number_gt                                      ? 
_reflns.threshold_expression                           ? 
_reflns.pdbx_redundancy                                6.4 
_reflns.pdbx_netI_over_av_sigmaI                       ? 
_reflns.pdbx_netI_over_sigmaI                          35.73 
_reflns.pdbx_res_netI_over_av_sigmaI_2                 ? 
_reflns.pdbx_res_netI_over_sigmaI_2                    ? 
_reflns.pdbx_chi_squared                               ? 
_reflns.pdbx_scaling_rejects                           ? 
_reflns.pdbx_d_res_high_opt                            ? 
_reflns.pdbx_d_res_low_opt                             ? 
_reflns.pdbx_d_res_opt_method                          ? 
_reflns.phase_calculation_details                      ? 
_reflns.pdbx_Rrim_I_all                                ? 
_reflns.pdbx_Rpim_I_all                                ? 
_reflns.pdbx_d_opt                                     ? 
_reflns.pdbx_number_measured_all                       ? 
_reflns.pdbx_diffrn_id                                 1 
_reflns.pdbx_ordinal                                   1 
_reflns.pdbx_CC_half                                   0.999 
_reflns.pdbx_CC_star                                   ? 
_reflns.pdbx_R_split                                   ? 
_reflns.pdbx_Rmerge_I_obs                              ? 
_reflns.pdbx_Rmerge_I_all                              ? 
_reflns.pdbx_Rsym_value                                ? 
_reflns.pdbx_CC_split_method                           ? 
_reflns.pdbx_aniso_diffraction_limit_axis_1_ortho[1]   ? 
_reflns.pdbx_aniso_diffraction_limit_axis_1_ortho[2]   ? 
_reflns.pdbx_aniso_diffraction_limit_axis_1_ortho[3]   ? 
_reflns.pdbx_aniso_diffraction_limit_axis_2_ortho[1]   ? 
_reflns.pdbx_aniso_diffraction_limit_axis_2_ortho[2]   ? 
_reflns.pdbx_aniso_diffraction_limit_axis_2_ortho[3]   ? 
_reflns.pdbx_aniso_diffraction_limit_axis_3_ortho[1]   ? 
_reflns.pdbx_aniso_diffraction_limit_axis_3_ortho[2]   ? 
_reflns.pdbx_aniso_diffraction_limit_axis_3_ortho[3]   ? 
_reflns.pdbx_aniso_diffraction_limit_1                 ? 
_reflns.pdbx_aniso_diffraction_limit_2                 ? 
_reflns.pdbx_aniso_diffraction_limit_3                 ? 
_reflns.pdbx_aniso_B_tensor_eigenvector_1_ortho[1]     ? 
_reflns.pdbx_aniso_B_tensor_eigenvector_1_ortho[2]     ? 
_reflns.pdbx_aniso_B_tensor_eigenvector_1_ortho[3]     ? 
_reflns.pdbx_aniso_B_tensor_eigenvector_2_ortho[1]     ? 
_reflns.pdbx_aniso_B_tensor_eigenvector_2_ortho[2]     ? 
_reflns.pdbx_aniso_B_tensor_eigenvector_2_ortho[3]     ? 
_reflns.pdbx_aniso_B_tensor_eigenvector_3_ortho[1]     ? 
_reflns.pdbx_aniso_B_tensor_eigenvector_3_ortho[2]     ? 
_reflns.pdbx_aniso_B_tensor_eigenvector_3_ortho[3]     ? 
_reflns.pdbx_aniso_B_tensor_eigenvalue_1               ? 
_reflns.pdbx_aniso_B_tensor_eigenvalue_2               ? 
_reflns.pdbx_aniso_B_tensor_eigenvalue_3               ? 
_reflns.pdbx_orthogonalization_convention              ? 
_reflns.pdbx_percent_possible_ellipsoidal              ? 
_reflns.pdbx_percent_possible_spherical                ? 
_reflns.pdbx_percent_possible_ellipsoidal_anomalous    ? 
_reflns.pdbx_percent_possible_spherical_anomalous      ? 
_reflns.pdbx_redundancy_anomalous                      ? 
_reflns.pdbx_CC_half_anomalous                         ? 
_reflns.pdbx_absDiff_over_sigma_anomalous              ? 
_reflns.pdbx_percent_possible_anomalous                ? 
_reflns.pdbx_observed_signal_threshold                 ? 
_reflns.pdbx_signal_type                               ? 
_reflns.pdbx_signal_details                            ? 
_reflns.pdbx_signal_software_id                        ? 
# 
_reflns_shell.d_res_high                                    0.85 
_reflns_shell.d_res_low                                     0.8804 
_reflns_shell.meanI_over_sigI_all                           ? 
_reflns_shell.meanI_over_sigI_obs                           ? 
_reflns_shell.number_measured_all                           ? 
_reflns_shell.number_measured_obs                           ? 
_reflns_shell.number_possible                               ? 
_reflns_shell.number_unique_all                             ? 
_reflns_shell.number_unique_obs                             961 
_reflns_shell.percent_possible_obs                          ? 
_reflns_shell.Rmerge_F_all                                  ? 
_reflns_shell.Rmerge_F_obs                                  ? 
_reflns_shell.meanI_over_sigI_gt                            ? 
_reflns_shell.meanI_over_uI_all                             ? 
_reflns_shell.meanI_over_uI_gt                              ? 
_reflns_shell.number_measured_gt                            ? 
_reflns_shell.number_unique_gt                              ? 
_reflns_shell.percent_possible_gt                           ? 
_reflns_shell.Rmerge_F_gt                                   ? 
_reflns_shell.Rmerge_I_gt                                   ? 
_reflns_shell.pdbx_redundancy                               ? 
_reflns_shell.pdbx_chi_squared                              ? 
_reflns_shell.pdbx_netI_over_sigmaI_all                     ? 
_reflns_shell.pdbx_netI_over_sigmaI_obs                     ? 
_reflns_shell.pdbx_Rrim_I_all                               ? 
_reflns_shell.pdbx_Rpim_I_all                               ? 
_reflns_shell.pdbx_rejects                                  ? 
_reflns_shell.pdbx_ordinal                                  1 
_reflns_shell.pdbx_diffrn_id                                1 
_reflns_shell.pdbx_CC_half                                  0.991 
_reflns_shell.pdbx_CC_star                                  ? 
_reflns_shell.pdbx_R_split                                  ? 
_reflns_shell.percent_possible_all                          ? 
_reflns_shell.Rmerge_I_all                                  ? 
_reflns_shell.Rmerge_I_obs                                  ? 
_reflns_shell.pdbx_Rsym_value                               ? 
_reflns_shell.pdbx_percent_possible_ellipsoidal             ? 
_reflns_shell.pdbx_percent_possible_spherical               ? 
_reflns_shell.pdbx_percent_possible_ellipsoidal_anomalous   ? 
_reflns_shell.pdbx_percent_possible_spherical_anomalous     ? 
_reflns_shell.pdbx_redundancy_anomalous                     ? 
_reflns_shell.pdbx_CC_half_anomalous                        ? 
_reflns_shell.pdbx_absDiff_over_sigma_anomalous             ? 
_reflns_shell.pdbx_percent_possible_anomalous               ? 
# 
_refine.aniso_B[1][1]                            ? 
_refine.aniso_B[1][2]                            ? 
_refine.aniso_B[1][3]                            ? 
_refine.aniso_B[2][2]                            ? 
_refine.aniso_B[2][3]                            ? 
_refine.aniso_B[3][3]                            ? 
_refine.B_iso_max                                ? 
_refine.B_iso_mean                               11.38 
_refine.B_iso_min                                ? 
_refine.correlation_coeff_Fo_to_Fc               ? 
_refine.correlation_coeff_Fo_to_Fc_free          ? 
_refine.details                                  ? 
_refine.diff_density_max                         ? 
_refine.diff_density_max_esd                     ? 
_refine.diff_density_min                         ? 
_refine.diff_density_min_esd                     ? 
_refine.diff_density_rms                         ? 
_refine.diff_density_rms_esd                     ? 
_refine.entry_id                                 9C06 
_refine.pdbx_refine_id                           'X-RAY DIFFRACTION' 
_refine.ls_abs_structure_details                 ? 
_refine.ls_abs_structure_Flack                   ? 
_refine.ls_abs_structure_Flack_esd               ? 
_refine.ls_abs_structure_Rogers                  ? 
_refine.ls_abs_structure_Rogers_esd              ? 
_refine.ls_d_res_high                            0.85 
_refine.ls_d_res_low                             10.07 
_refine.ls_extinction_coef                       ? 
_refine.ls_extinction_coef_esd                   ? 
_refine.ls_extinction_expression                 ? 
_refine.ls_extinction_method                     ? 
_refine.ls_goodness_of_fit_all                   ? 
_refine.ls_goodness_of_fit_all_esd               ? 
_refine.ls_goodness_of_fit_obs                   ? 
_refine.ls_goodness_of_fit_obs_esd               ? 
_refine.ls_hydrogen_treatment                    ? 
_refine.ls_matrix_type                           ? 
_refine.ls_number_constraints                    ? 
_refine.ls_number_parameters                     ? 
_refine.ls_number_reflns_all                     ? 
_refine.ls_number_reflns_obs                     9835 
_refine.ls_number_reflns_R_free                  968 
_refine.ls_number_reflns_R_work                  0 
_refine.ls_number_restraints                     ? 
_refine.ls_percent_reflns_obs                    99.24 
_refine.ls_percent_reflns_R_free                 ? 
_refine.ls_R_factor_all                          ? 
_refine.ls_R_factor_obs                          0.1375 
_refine.ls_R_factor_R_free                       0.1375 
_refine.ls_R_factor_R_free_error                 ? 
_refine.ls_R_factor_R_free_error_details         ? 
_refine.ls_R_factor_R_work                       0.1375 
_refine.ls_R_Fsqd_factor_obs                     ? 
_refine.ls_R_I_factor_obs                        ? 
_refine.ls_redundancy_reflns_all                 ? 
_refine.ls_redundancy_reflns_obs                 ? 
_refine.ls_restrained_S_all                      ? 
_refine.ls_restrained_S_obs                      ? 
_refine.ls_shift_over_esd_max                    ? 
_refine.ls_shift_over_esd_mean                   ? 
_refine.ls_structure_factor_coef                 ? 
_refine.ls_weighting_details                     ? 
_refine.ls_weighting_scheme                      ? 
_refine.ls_wR_factor_all                         ? 
_refine.ls_wR_factor_obs                         ? 
_refine.ls_wR_factor_R_free                      ? 
_refine.ls_wR_factor_R_work                      ? 
_refine.occupancy_max                            ? 
_refine.occupancy_min                            ? 
_refine.solvent_model_details                    'FLAT BULK SOLVENT MODEL' 
_refine.solvent_model_param_bsol                 ? 
_refine.solvent_model_param_ksol                 ? 
_refine.pdbx_R_complete                          ? 
_refine.ls_R_factor_gt                           ? 
_refine.ls_goodness_of_fit_gt                    ? 
_refine.ls_goodness_of_fit_ref                   ? 
_refine.ls_shift_over_su_max                     ? 
_refine.ls_shift_over_su_max_lt                  ? 
_refine.ls_shift_over_su_mean                    ? 
_refine.ls_shift_over_su_mean_lt                 ? 
_refine.pdbx_ls_sigma_I                          ? 
_refine.pdbx_ls_sigma_F                          1.38 
_refine.pdbx_ls_sigma_Fsqd                       ? 
_refine.pdbx_data_cutoff_high_absF               ? 
_refine.pdbx_data_cutoff_high_rms_absF           ? 
_refine.pdbx_data_cutoff_low_absF                ? 
_refine.pdbx_isotropic_thermal_model             ? 
_refine.pdbx_ls_cross_valid_method               'FREE R-VALUE' 
_refine.pdbx_method_to_determine_struct          'MOLECULAR REPLACEMENT' 
_refine.pdbx_starting_model                      ? 
_refine.pdbx_stereochemistry_target_values       'GeoStd + Monomer Library + CDL v1.2' 
_refine.pdbx_R_Free_selection_details            ? 
_refine.pdbx_stereochem_target_val_spec_case     ? 
_refine.pdbx_overall_ESU_R                       ? 
_refine.pdbx_overall_ESU_R_Free                  ? 
_refine.pdbx_solvent_vdw_probe_radii             1.1000 
_refine.pdbx_solvent_ion_probe_radii             ? 
_refine.pdbx_solvent_shrinkage_radii             0.9000 
_refine.pdbx_real_space_R                        ? 
_refine.pdbx_density_correlation                 ? 
_refine.pdbx_pd_number_of_powder_patterns        ? 
_refine.pdbx_pd_number_of_points                 ? 
_refine.pdbx_pd_meas_number_of_points            ? 
_refine.pdbx_pd_proc_ls_prof_R_factor            ? 
_refine.pdbx_pd_proc_ls_prof_wR_factor           ? 
_refine.pdbx_pd_Marquardt_correlation_coeff      ? 
_refine.pdbx_pd_Fsqrd_R_factor                   ? 
_refine.pdbx_pd_ls_matrix_band_width             ? 
_refine.pdbx_overall_phase_error                 16.0172 
_refine.pdbx_overall_SU_R_free_Cruickshank_DPI   ? 
_refine.pdbx_overall_SU_R_free_Blow_DPI          ? 
_refine.pdbx_overall_SU_R_Blow_DPI               ? 
_refine.pdbx_TLS_residual_ADP_flag               ? 
_refine.pdbx_diffrn_id                           1 
_refine.overall_SU_B                             ? 
_refine.overall_SU_ML                            0.0590 
_refine.overall_SU_R_Cruickshank_DPI             ? 
_refine.overall_SU_R_free                        ? 
_refine.overall_FOM_free_R_set                   ? 
_refine.overall_FOM_work_R_set                   ? 
_refine.pdbx_average_fsc_overall                 ? 
_refine.pdbx_average_fsc_work                    ? 
_refine.pdbx_average_fsc_free                    ? 
# 
_refine_hist.pdbx_refine_id                   'X-RAY DIFFRACTION' 
_refine_hist.cycle_id                         LAST 
_refine_hist.details                          ? 
_refine_hist.d_res_high                       0.85 
_refine_hist.d_res_low                        10.07 
_refine_hist.number_atoms_solvent             0 
_refine_hist.number_atoms_total               133 
_refine_hist.number_reflns_all                ? 
_refine_hist.number_reflns_obs                ? 
_refine_hist.number_reflns_R_free             ? 
_refine_hist.number_reflns_R_work             ? 
_refine_hist.R_factor_all                     ? 
_refine_hist.R_factor_obs                     ? 
_refine_hist.R_factor_R_free                  ? 
_refine_hist.R_factor_R_work                  ? 
_refine_hist.pdbx_number_residues_total       ? 
_refine_hist.pdbx_B_iso_mean_ligand           ? 
_refine_hist.pdbx_B_iso_mean_solvent          ? 
_refine_hist.pdbx_number_atoms_protein        90 
_refine_hist.pdbx_number_atoms_nucleic_acid   0 
_refine_hist.pdbx_number_atoms_ligand         43 
_refine_hist.pdbx_number_atoms_lipid          ? 
_refine_hist.pdbx_number_atoms_carb           ? 
_refine_hist.pdbx_pseudo_atom_details         ? 
# 
loop_
_refine_ls_restr.pdbx_refine_id 
_refine_ls_restr.criterion 
_refine_ls_restr.dev_ideal 
_refine_ls_restr.dev_ideal_target 
_refine_ls_restr.number 
_refine_ls_restr.rejects 
_refine_ls_restr.type 
_refine_ls_restr.weight 
_refine_ls_restr.pdbx_restraint_function 
'X-RAY DIFFRACTION' ? 0.0104  ? 170 ? f_bond_d           ? ? 
'X-RAY DIFFRACTION' ? 1.6133  ? 228 ? f_angle_d          ? ? 
'X-RAY DIFFRACTION' ? 0.1507  ? 11  ? f_chiral_restr     ? ? 
'X-RAY DIFFRACTION' ? 0.0058  ? 26  ? f_plane_restr      ? ? 
'X-RAY DIFFRACTION' ? 40.7160 ? 24  ? f_dihedral_angle_d ? ? 
# 
loop_
_refine_ls_shell.pdbx_refine_id 
_refine_ls_shell.d_res_high 
_refine_ls_shell.d_res_low 
_refine_ls_shell.number_reflns_all 
_refine_ls_shell.number_reflns_obs 
_refine_ls_shell.number_reflns_R_free 
_refine_ls_shell.number_reflns_R_work 
_refine_ls_shell.percent_reflns_obs 
_refine_ls_shell.percent_reflns_R_free 
_refine_ls_shell.R_factor_all 
_refine_ls_shell.R_factor_obs 
_refine_ls_shell.R_factor_R_free_error 
_refine_ls_shell.R_factor_R_work 
_refine_ls_shell.redundancy_reflns_all 
_refine_ls_shell.redundancy_reflns_obs 
_refine_ls_shell.wR_factor_all 
_refine_ls_shell.wR_factor_obs 
_refine_ls_shell.wR_factor_R_free 
_refine_ls_shell.wR_factor_R_work 
_refine_ls_shell.pdbx_R_complete 
_refine_ls_shell.pdbx_total_number_of_bins_used 
_refine_ls_shell.pdbx_phase_error 
_refine_ls_shell.pdbx_fsc_work 
_refine_ls_shell.pdbx_fsc_free 
_refine_ls_shell.R_factor_R_free 
'X-RAY DIFFRACTION' 0.85 0.86  . . 625 625 99.52  . . . . 0.2467 . . . . . . . . . . . 0.2467 
'X-RAY DIFFRACTION' 0.86 0.87  . . 627 627 99.68  . . . . 0.2491 . . . . . . . . . . . 0.2491 
'X-RAY DIFFRACTION' 0.87 0.88  . . 610 610 99.19  . . . . 0.2304 . . . . . . . . . . . 0.2304 
'X-RAY DIFFRACTION' 0.88 0.89  . . 638 638 98.61  . . . . 0.2295 . . . . . . . . . . . 0.2295 
'X-RAY DIFFRACTION' 0.89 0.90  . . 646 646 98.78  . . . . 0.2186 . . . . . . . . . . . 0.2186 
'X-RAY DIFFRACTION' 0.90 0.92  . . 618 618 99.20  . . . . 0.2422 . . . . . . . . . . . 0.2422 
'X-RAY DIFFRACTION' 0.92 0.93  . . 579 579 98.81  . . . . 0.2250 . . . . . . . . . . . 0.2250 
'X-RAY DIFFRACTION' 0.93 0.94  . . 633 633 99.22  . . . . 0.2092 . . . . . . . . . . . 0.2092 
'X-RAY DIFFRACTION' 0.94 0.96  . . 660 660 99.85  . . . . 0.1974 . . . . . . . . . . . 0.1974 
'X-RAY DIFFRACTION' 0.96 0.97  . . 648 648 100.00 . . . . 0.1941 . . . . . . . . . . . 0.1941 
'X-RAY DIFFRACTION' 0.97 0.99  . . 569 569 100.00 . . . . 0.1943 . . . . . . . . . . . 0.1943 
'X-RAY DIFFRACTION' 0.99 1.01  . . 662 662 100.00 . . . . 0.1855 . . . . . . . . . . . 0.1855 
'X-RAY DIFFRACTION' 1.01 1.03  . . 616 616 100.00 . . . . 0.1877 . . . . . . . . . . . 0.1877 
'X-RAY DIFFRACTION' 1.03 1.05  . . 654 654 100.00 . . . . 0.1653 . . . . . . . . . . . 0.1653 
'X-RAY DIFFRACTION' 1.05 1.07  . . 608 608 99.84  . . . . 0.1664 . . . . . . . . . . . 0.1664 
'X-RAY DIFFRACTION' 1.07 1.10  . . 609 609 99.67  . . . . 0.1686 . . . . . . . . . . . 0.1686 
'X-RAY DIFFRACTION' 1.10 1.12  . . 696 696 99.29  . . . . 0.1416 . . . . . . . . . . . 0.1416 
'X-RAY DIFFRACTION' 1.12 1.15  . . 560 560 98.25  . . . . 0.1635 . . . . . . . . . . . 0.1635 
'X-RAY DIFFRACTION' 1.15 1.19  . . 636 636 99.38  . . . . 0.1323 . . . . . . . . . . . 0.1323 
'X-RAY DIFFRACTION' 1.19 1.23  . . 636 636 100.00 . . . . 0.1347 . . . . . . . . . . . 0.1347 
'X-RAY DIFFRACTION' 1.23 1.27  . . 614 614 99.68  . . . . 0.1517 . . . . . . . . . . . 0.1517 
'X-RAY DIFFRACTION' 1.27 1.32  . . 637 637 100.00 . . . . 0.1308 . . . . . . . . . . . 0.1308 
'X-RAY DIFFRACTION' 1.32 1.38  . . 615 615 98.72  . . . . 0.1343 . . . . . . . . . . . 0.1343 
'X-RAY DIFFRACTION' 1.38 1.45  . . 620 620 99.52  . . . . 0.1308 . . . . . . . . . . . 0.1308 
'X-RAY DIFFRACTION' 1.45 1.54  . . 612 612 99.67  . . . . 0.1444 . . . . . . . . . . . 0.1444 
'X-RAY DIFFRACTION' 1.54 1.66  . . 650 650 99.85  . . . . 0.1182 . . . . . . . . . . . 0.1182 
'X-RAY DIFFRACTION' 1.66 1.83  . . 607 607 99.02  . . . . 0.1164 . . . . . . . . . . . 0.1164 
'X-RAY DIFFRACTION' 1.83 2.09  . . 631 631 99.84  . . . . 0.1007 . . . . . . . . . . . 0.1007 
'X-RAY DIFFRACTION' 2.09 2.63  . . 630 630 98.75  . . . . 0.1080 . . . . . . . . . . . 0.1080 
'X-RAY DIFFRACTION' 2.63 10.07 . . 592 592 93.67  . . . . 0.1313 . . . . . . . . . . . 0.1313 
# 
_struct.entry_id                     9C06 
_struct.title                        'UIC-1 A4S/B5(4-Cl)F soaked in equimolar ortho-, meta-, and para-xylene' 
_struct.pdbx_model_details           ? 
_struct.pdbx_formula_weight          ? 
_struct.pdbx_formula_weight_method   ? 
_struct.pdbx_model_type_details      ? 
_struct.pdbx_CASP_flag               N 
# 
_struct_keywords.entry_id        9C06 
_struct_keywords.text            'synthetic construct, DE NOVO PROTEIN' 
_struct_keywords.pdbx_keywords   'DE NOVO PROTEIN' 
# 
loop_
_struct_asym.id 
_struct_asym.pdbx_blank_PDB_chainid_flag 
_struct_asym.pdbx_modified 
_struct_asym.entity_id 
_struct_asym.details 
A N N 1 ? 
B N N 2 ? 
C N N 3 ? 
D N N 4 ? 
E N N 4 ? 
F N N 4 ? 
# 
_struct_ref.id                         1 
_struct_ref.db_name                    PDB 
_struct_ref.db_code                    9C06 
_struct_ref.pdbx_db_accession          9C06 
_struct_ref.pdbx_db_isoform            ? 
_struct_ref.entity_id                  1 
_struct_ref.pdbx_seq_one_letter_code   ? 
_struct_ref.pdbx_align_begin           1 
# 
_struct_ref_seq.align_id                      1 
_struct_ref_seq.ref_id                        1 
_struct_ref_seq.pdbx_PDB_id_code              9C06 
_struct_ref_seq.pdbx_strand_id                A 
_struct_ref_seq.seq_align_beg                 1 
_struct_ref_seq.pdbx_seq_align_beg_ins_code   ? 
_struct_ref_seq.seq_align_end                 9 
_struct_ref_seq.pdbx_seq_align_end_ins_code   ? 
_struct_ref_seq.pdbx_db_accession             9C06 
_struct_ref_seq.db_align_beg                  2 
_struct_ref_seq.pdbx_db_align_beg_ins_code    ? 
_struct_ref_seq.db_align_end                  10 
_struct_ref_seq.pdbx_db_align_end_ins_code    ? 
_struct_ref_seq.pdbx_auth_seq_align_beg       2 
_struct_ref_seq.pdbx_auth_seq_align_end       10 
# 
_pdbx_struct_assembly.id                   1 
_pdbx_struct_assembly.details              author_and_software_defined_assembly 
_pdbx_struct_assembly.method_details       PISA 
_pdbx_struct_assembly.oligomeric_details   monomeric 
_pdbx_struct_assembly.oligomeric_count     1 
# 
_pdbx_struct_assembly_gen.assembly_id       1 
_pdbx_struct_assembly_gen.oper_expression   1 
_pdbx_struct_assembly_gen.asym_id_list      A,B,C,D,E,F 
# 
_pdbx_struct_oper_list.id                   1 
_pdbx_struct_oper_list.type                 'identity operation' 
_pdbx_struct_oper_list.name                 1_555 
_pdbx_struct_oper_list.symmetry_operation   x,y,z 
_pdbx_struct_oper_list.matrix[1][1]         1.0000000000 
_pdbx_struct_oper_list.matrix[1][2]         0.0000000000 
_pdbx_struct_oper_list.matrix[1][3]         0.0000000000 
_pdbx_struct_oper_list.vector[1]            0.0000000000 
_pdbx_struct_oper_list.matrix[2][1]         0.0000000000 
_pdbx_struct_oper_list.matrix[2][2]         1.0000000000 
_pdbx_struct_oper_list.matrix[2][3]         0.0000000000 
_pdbx_struct_oper_list.vector[2]            0.0000000000 
_pdbx_struct_oper_list.matrix[3][1]         0.0000000000 
_pdbx_struct_oper_list.matrix[3][2]         0.0000000000 
_pdbx_struct_oper_list.matrix[3][3]         1.0000000000 
_pdbx_struct_oper_list.vector[3]            0.0000000000 
# 
_struct_conf.conf_type_id            HELX_P 
_struct_conf.id                      HELX_P1 
_struct_conf.pdbx_PDB_helix_id       AA1 
_struct_conf.beg_label_comp_id       LEU 
_struct_conf.beg_label_asym_id       A 
_struct_conf.beg_label_seq_id        1 
_struct_conf.pdbx_beg_PDB_ins_code   ? 
_struct_conf.end_label_comp_id       GLN 
_struct_conf.end_label_asym_id       A 
_struct_conf.end_label_seq_id        7 
_struct_conf.pdbx_end_PDB_ins_code   ? 
_struct_conf.beg_auth_comp_id        LEU 
_struct_conf.beg_auth_asym_id        A 
_struct_conf.beg_auth_seq_id         2 
_struct_conf.end_auth_comp_id        GLN 
_struct_conf.end_auth_asym_id        A 
_struct_conf.end_auth_seq_id         8 
_struct_conf.pdbx_PDB_helix_class    1 
_struct_conf.details                 ? 
_struct_conf.pdbx_PDB_helix_length   7 
# 
_struct_conf_type.id          HELX_P 
_struct_conf_type.criteria    ? 
_struct_conf_type.reference   ? 
# 
loop_
_struct_conn.id 
_struct_conn.conn_type_id 
_struct_conn.pdbx_leaving_atom_flag 
_struct_conn.pdbx_PDB_id 
_struct_conn.ptnr1_label_asym_id 
_struct_conn.ptnr1_label_comp_id 
_struct_conn.ptnr1_label_seq_id 
_struct_conn.ptnr1_label_atom_id 
_struct_conn.pdbx_ptnr1_label_alt_id 
_struct_conn.pdbx_ptnr1_PDB_ins_code 
_struct_conn.pdbx_ptnr1_standard_comp_id 
_struct_conn.ptnr1_symmetry 
_struct_conn.ptnr2_label_asym_id 
_struct_conn.ptnr2_label_comp_id 
_struct_conn.ptnr2_label_seq_id 
_struct_conn.ptnr2_label_atom_id 
_struct_conn.pdbx_ptnr2_label_alt_id 
_struct_conn.pdbx_ptnr2_PDB_ins_code 
_struct_conn.ptnr1_auth_asym_id 
_struct_conn.ptnr1_auth_comp_id 
_struct_conn.ptnr1_auth_seq_id 
_struct_conn.ptnr2_auth_asym_id 
_struct_conn.ptnr2_auth_comp_id 
_struct_conn.ptnr2_auth_seq_id 
_struct_conn.ptnr2_symmetry 
_struct_conn.pdbx_ptnr3_label_atom_id 
_struct_conn.pdbx_ptnr3_label_seq_id 
_struct_conn.pdbx_ptnr3_label_comp_id 
_struct_conn.pdbx_ptnr3_label_asym_id 
_struct_conn.pdbx_ptnr3_label_alt_id 
_struct_conn.pdbx_ptnr3_PDB_ins_code 
_struct_conn.details 
_struct_conn.pdbx_dist_value 
_struct_conn.pdbx_value_order 
_struct_conn.pdbx_role 
covale1  covale both ? A LEU 1 C ? ? ? 1_555 A AIB 2 N   ? ? A LEU 2  A AIB 3   1_555 ? ? ? ? ? ? ? 1.328 ? ? 
covale2  covale both ? A LEU 1 N ? ? ? 1_555 C I6W . C02 A ? A LEU 2  A I6W 102 1_555 ? ? ? ? ? ? ? 1.428 ? ? 
covale3  covale both ? A LEU 1 N ? ? ? 1_555 C I6W . C02 B ? A LEU 2  A I6W 102 1_555 ? ? ? ? ? ? ? 1.428 ? ? 
covale4  covale both ? A AIB 2 C ? ? ? 1_555 A SER 3 N   A ? A AIB 3  A SER 4   1_555 ? ? ? ? ? ? ? 1.323 ? ? 
covale5  covale both ? A AIB 2 C ? ? ? 1_555 A SER 3 N   B ? A AIB 3  A SER 4   1_555 ? ? ? ? ? ? ? 1.329 ? ? 
covale6  covale both ? A SER 3 C A ? ? 1_555 A 200 4 N   ? ? A SER 4  A 200 5   1_555 ? ? ? ? ? ? ? 1.327 ? ? 
covale7  covale both ? A SER 3 C B ? ? 1_555 A 200 4 N   ? ? A SER 4  A 200 5   1_555 ? ? ? ? ? ? ? 1.328 ? ? 
covale8  covale both ? A 200 4 C ? ? ? 1_555 A LEU 5 N   ? ? A 200 5  A LEU 6   1_555 ? ? ? ? ? ? ? 1.330 ? ? 
covale9  covale both ? A GLN 7 C ? ? ? 1_555 A AIB 8 N   ? ? A GLN 8  A AIB 9   1_555 ? ? ? ? ? ? ? 1.339 ? ? 
covale10 covale both ? A AIB 8 C ? ? ? 1_555 A LEU 9 N   ? ? A AIB 9  A LEU 10  1_555 ? ? ? ? ? ? ? 1.337 ? ? 
covale11 covale both ? A LEU 9 C ? ? ? 1_555 B I77 . N15 ? ? A LEU 10 A I77 101 1_555 ? ? ? ? ? ? ? 1.423 ? ? 
# 
_struct_conn_type.id          covale 
_struct_conn_type.criteria    ? 
_struct_conn_type.reference   ? 
# 
loop_
_pdbx_modification_feature.ordinal 
_pdbx_modification_feature.label_comp_id 
_pdbx_modification_feature.label_asym_id 
_pdbx_modification_feature.label_seq_id 
_pdbx_modification_feature.label_alt_id 
_pdbx_modification_feature.modified_residue_label_comp_id 
_pdbx_modification_feature.modified_residue_label_asym_id 
_pdbx_modification_feature.modified_residue_label_seq_id 
_pdbx_modification_feature.modified_residue_label_alt_id 
_pdbx_modification_feature.auth_comp_id 
_pdbx_modification_feature.auth_asym_id 
_pdbx_modification_feature.auth_seq_id 
_pdbx_modification_feature.PDB_ins_code 
_pdbx_modification_feature.symmetry 
_pdbx_modification_feature.modified_residue_auth_comp_id 
_pdbx_modification_feature.modified_residue_auth_asym_id 
_pdbx_modification_feature.modified_residue_auth_seq_id 
_pdbx_modification_feature.modified_residue_PDB_ins_code 
_pdbx_modification_feature.modified_residue_symmetry 
_pdbx_modification_feature.comp_id_linking_atom 
_pdbx_modification_feature.modified_residue_id_linking_atom 
_pdbx_modification_feature.modified_residue_id 
_pdbx_modification_feature.ref_pcm_id 
_pdbx_modification_feature.ref_comp_id 
_pdbx_modification_feature.type 
_pdbx_modification_feature.category 
1 AIB A 2 ? .   . . . AIB A 3   ? 1_555 .   . .  . .     .   . ALA 1 AIB Methylation  'Named protein modification'     
2 200 A 4 ? .   . . . 200 A 5   ? 1_555 .   . .  . .     .   . PHE 1 200 Chlorination 'Named protein modification'     
3 AIB A 8 ? .   . . . AIB A 9   ? 1_555 .   . .  . .     .   . ALA 1 AIB Methylation  'Named protein modification'     
4 I77 B . ? LEU A 9 ? I77 A 101 ? 1_555 LEU A 10 ? 1_555 N15 C LEU 1 I77 None         'Covalent chemical modification' 
5 I6W C . A LEU A 1 ? I6W A 102 ? 1_555 LEU A 2  ? 1_555 C02 N LEU 1 I6W None         'Covalent chemical modification' 
6 I6W C . B LEU A 1 ? I6W A 102 ? 1_555 LEU A 2  ? 1_555 C02 N LEU 1 I6W None         'Covalent chemical modification' 
# 
_pdbx_entry_details.entry_id                   9C06 
_pdbx_entry_details.has_ligand_of_interest     Y 
_pdbx_entry_details.compound_details           ? 
_pdbx_entry_details.source_details             ? 
_pdbx_entry_details.nonpolymer_details         ? 
_pdbx_entry_details.sequence_details           ? 
_pdbx_entry_details.has_protein_modification   Y 
# 
loop_
_space_group_symop.id 
_space_group_symop.operation_xyz 
1 x,y,z       
2 -x,y+1/2,-z 
# 
loop_
_chem_comp_atom.comp_id 
_chem_comp_atom.atom_id 
_chem_comp_atom.type_symbol 
_chem_comp_atom.pdbx_aromatic_flag 
_chem_comp_atom.pdbx_stereo_config 
_chem_comp_atom.pdbx_ordinal 
200 N      N  N N 1   
200 CA     C  N S 2   
200 C      C  N N 3   
200 O      O  N N 4   
200 OXT    O  N N 5   
200 CB     C  N N 6   
200 CG     C  Y N 7   
200 CD1    C  Y N 8   
200 CD2    C  Y N 9   
200 CE1    C  Y N 10  
200 CE2    C  Y N 11  
200 CZ     C  Y N 12  
200 CL     CL N N 13  
200 H      H  N N 14  
200 H2     H  N N 15  
200 HA     H  N N 16  
200 HXT    H  N N 17  
200 HB2    H  N N 18  
200 HB3    H  N N 19  
200 HD1    H  N N 20  
200 HD2    H  N N 21  
200 HE1    H  N N 22  
200 HE2    H  N N 23  
AIB N      N  N N 24  
AIB CA     C  N N 25  
AIB C      C  N N 26  
AIB O      O  N N 27  
AIB OXT    O  N N 28  
AIB CB1    C  N N 29  
AIB CB2    C  N N 30  
AIB H      H  N N 31  
AIB H2     H  N N 32  
AIB HXT    H  N N 33  
AIB HB11   H  N N 34  
AIB HB12   H  N N 35  
AIB HB13   H  N N 36  
AIB HB21   H  N N 37  
AIB HB22   H  N N 38  
AIB HB23   H  N N 39  
GLN N      N  N N 40  
GLN CA     C  N S 41  
GLN C      C  N N 42  
GLN O      O  N N 43  
GLN CB     C  N N 44  
GLN CG     C  N N 45  
GLN CD     C  N N 46  
GLN OE1    O  N N 47  
GLN NE2    N  N N 48  
GLN OXT    O  N N 49  
GLN H      H  N N 50  
GLN H2     H  N N 51  
GLN HA     H  N N 52  
GLN HB2    H  N N 53  
GLN HB3    H  N N 54  
GLN HG2    H  N N 55  
GLN HG3    H  N N 56  
GLN HE21   H  N N 57  
GLN HE22   H  N N 58  
GLN HXT    H  N N 59  
I6W C05    C  Y N 60  
I6W C08    C  Y N 61  
I6W C09    C  Y N 62  
I6W N10    N  Y N 63  
I6W C02    C  N N 64  
I6W C03    C  Y N 65  
I6W C04    C  Y N 66  
I6W C06    C  Y N 67  
I6W C11    C  Y N 68  
I6W C12    C  Y N 69  
I6W C13    C  N N 70  
I6W C15    C  N N 71  
I6W C16    C  N N 72  
I6W C18    C  Y N 73  
I6W C19    C  Y N 74  
I6W N07    N  Y N 75  
I6W O01    O  N N 76  
I6W O14    O  N N 77  
I6W O17    O  N N 78  
I6W H051   H  N N 79  
I6W H041   H  N N 80  
I6W H061   H  N N 81  
I6W H111   H  N N 82  
I6W H152   H  N N 83  
I6W H151   H  N N 84  
I6W H162   H  N N 85  
I6W H163   H  N N 86  
I6W H161   H  N N 87  
I6W H181   H  N N 88  
I6W H191   H  N N 89  
I6W OXT    O  N N 90  
I6W HXT    H  N N 91  
I77 C11    C  Y N 92  
I77 C12    C  Y N 93  
I77 C13    C  N N 94  
I77 C17    C  Y N 95  
I77 C18    C  Y N 96  
I77 C02    C  N N 97  
I77 C03    C  Y N 98  
I77 C04    C  Y N 99  
I77 C05    C  Y N 100 
I77 C06    C  Y N 101 
I77 C08    C  Y N 102 
I77 C09    C  Y N 103 
I77 N01    N  N N 104 
I77 N07    N  Y N 105 
I77 N10    N  Y N 106 
I77 N14    N  N N 107 
I77 N15    N  N N 108 
I77 O16    O  N N 109 
I77 O19    O  N N 110 
I77 H111   H  N N 111 
I77 H171   H  N N 112 
I77 H181   H  N N 113 
I77 H041   H  N N 114 
I77 H051   H  N N 115 
I77 H061   H  N N 116 
I77 H011   H  N N 117 
I77 H012   H  N N 118 
I77 H141   H  N N 119 
I77 H1     H  N N 120 
I77 H2     H  N N 121 
LEU N      N  N N 122 
LEU CA     C  N S 123 
LEU C      C  N N 124 
LEU O      O  N N 125 
LEU CB     C  N N 126 
LEU CG     C  N N 127 
LEU CD1    C  N N 128 
LEU CD2    C  N N 129 
LEU OXT    O  N N 130 
LEU H      H  N N 131 
LEU H2     H  N N 132 
LEU HA     H  N N 133 
LEU HB2    H  N N 134 
LEU HB3    H  N N 135 
LEU HG     H  N N 136 
LEU HD11   H  N N 137 
LEU HD12   H  N N 138 
LEU HD13   H  N N 139 
LEU HD21   H  N N 140 
LEU HD22   H  N N 141 
LEU HD23   H  N N 142 
LEU HXT    H  N N 143 
MET N      N  N N 144 
MET CA     C  N S 145 
MET C      C  N N 146 
MET O      O  N N 147 
MET CB     C  N N 148 
MET CG     C  N N 149 
MET SD     S  N N 150 
MET CE     C  N N 151 
MET OXT    O  N N 152 
MET H      H  N N 153 
MET H2     H  N N 154 
MET HA     H  N N 155 
MET HB2    H  N N 156 
MET HB3    H  N N 157 
MET HG2    H  N N 158 
MET HG3    H  N N 159 
MET HE1    H  N N 160 
MET HE2    H  N N 161 
MET HE3    H  N N 162 
MET HXT    H  N N 163 
OXE C1     C  Y N 164 
OXE C2     C  Y N 165 
OXE C3     C  Y N 166 
OXE C4     C  Y N 167 
OXE C5     C  Y N 168 
OXE C6     C  Y N 169 
OXE "C1'"  C  N N 170 
OXE "C2'"  C  N N 171 
OXE H3     H  N N 172 
OXE H4     H  N N 173 
OXE H5     H  N N 174 
OXE H6     H  N N 175 
OXE "H1'1" H  N N 176 
OXE "H1'2" H  N N 177 
OXE "H1'3" H  N N 178 
OXE "H2'1" H  N N 179 
OXE "H2'2" H  N N 180 
OXE "H2'3" H  N N 181 
SER N      N  N N 182 
SER CA     C  N S 183 
SER C      C  N N 184 
SER O      O  N N 185 
SER CB     C  N N 186 
SER OG     O  N N 187 
SER OXT    O  N N 188 
SER H      H  N N 189 
SER H2     H  N N 190 
SER HA     H  N N 191 
SER HB2    H  N N 192 
SER HB3    H  N N 193 
SER HG     H  N N 194 
SER HXT    H  N N 195 
# 
loop_
_chem_comp_bond.comp_id 
_chem_comp_bond.atom_id_1 
_chem_comp_bond.atom_id_2 
_chem_comp_bond.value_order 
_chem_comp_bond.pdbx_aromatic_flag 
_chem_comp_bond.pdbx_stereo_config 
_chem_comp_bond.pdbx_ordinal 
200 N     CA     sing N N 1   
200 N     H      sing N N 2   
200 N     H2     sing N N 3   
200 CA    C      sing N N 4   
200 CA    CB     sing N N 5   
200 CA    HA     sing N N 6   
200 C     O      doub N N 7   
200 C     OXT    sing N N 8   
200 OXT   HXT    sing N N 9   
200 CB    CG     sing N N 10  
200 CB    HB2    sing N N 11  
200 CB    HB3    sing N N 12  
200 CG    CD1    sing Y N 13  
200 CG    CD2    doub Y N 14  
200 CD1   CE1    doub Y N 15  
200 CD1   HD1    sing N N 16  
200 CD2   CE2    sing Y N 17  
200 CD2   HD2    sing N N 18  
200 CE1   CZ     sing Y N 19  
200 CE1   HE1    sing N N 20  
200 CE2   CZ     doub Y N 21  
200 CE2   HE2    sing N N 22  
200 CZ    CL     sing N N 23  
AIB N     CA     sing N N 24  
AIB N     H      sing N N 25  
AIB N     H2     sing N N 26  
AIB CA    C      sing N N 27  
AIB CA    CB1    sing N N 28  
AIB CA    CB2    sing N N 29  
AIB C     O      doub N N 30  
AIB C     OXT    sing N N 31  
AIB OXT   HXT    sing N N 32  
AIB CB1   HB11   sing N N 33  
AIB CB1   HB12   sing N N 34  
AIB CB1   HB13   sing N N 35  
AIB CB2   HB21   sing N N 36  
AIB CB2   HB22   sing N N 37  
AIB CB2   HB23   sing N N 38  
GLN N     CA     sing N N 39  
GLN N     H      sing N N 40  
GLN N     H2     sing N N 41  
GLN CA    C      sing N N 42  
GLN CA    CB     sing N N 43  
GLN CA    HA     sing N N 44  
GLN C     O      doub N N 45  
GLN C     OXT    sing N N 46  
GLN CB    CG     sing N N 47  
GLN CB    HB2    sing N N 48  
GLN CB    HB3    sing N N 49  
GLN CG    CD     sing N N 50  
GLN CG    HG2    sing N N 51  
GLN CG    HG3    sing N N 52  
GLN CD    OE1    doub N N 53  
GLN CD    NE2    sing N N 54  
GLN NE2   HE21   sing N N 55  
GLN NE2   HE22   sing N N 56  
GLN OXT   HXT    sing N N 57  
I6W O01   C02    doub N N 58  
I6W C02   C03    sing N N 59  
I6W C03   C06    doub Y N 60  
I6W C03   C04    sing Y N 61  
I6W C06   N07    sing Y N 62  
I6W C04   C05    doub Y N 63  
I6W N07   C08    doub Y N 64  
I6W C05   C08    sing Y N 65  
I6W C08   C09    sing N N 66  
I6W C09   C19    doub Y N 67  
I6W C09   N10    sing Y N 68  
I6W C19   C18    sing Y N 69  
I6W N10   C11    doub Y N 70  
I6W C18   C12    doub Y N 71  
I6W C11   C12    sing Y N 72  
I6W C12   C13    sing N N 73  
I6W C13   O17    doub N N 74  
I6W C13   O14    sing N N 75  
I6W O14   C15    sing N N 76  
I6W C15   C16    sing N N 77  
I6W C05   H051   sing N N 78  
I6W C04   H041   sing N N 79  
I6W C06   H061   sing N N 80  
I6W C11   H111   sing N N 81  
I6W C15   H152   sing N N 82  
I6W C15   H151   sing N N 83  
I6W C16   H162   sing N N 84  
I6W C16   H163   sing N N 85  
I6W C16   H161   sing N N 86  
I6W C18   H181   sing N N 87  
I6W C19   H191   sing N N 88  
I6W C02   OXT    sing N N 89  
I6W OXT   HXT    sing N N 90  
I77 N15   N14    sing N N 91  
I77 O16   C13    doub N N 92  
I77 N14   C13    sing N N 93  
I77 C13   C12    sing N N 94  
I77 C12   C17    doub Y N 95  
I77 C12   C11    sing Y N 96  
I77 C17   C18    sing Y N 97  
I77 C11   N10    doub Y N 98  
I77 C18   C09    doub Y N 99  
I77 N10   C09    sing Y N 100 
I77 C09   C08    sing N N 101 
I77 C08   N07    doub Y N 102 
I77 C08   C05    sing Y N 103 
I77 N07   C06    sing Y N 104 
I77 C05   C04    doub Y N 105 
I77 C06   C03    doub Y N 106 
I77 C04   C03    sing Y N 107 
I77 C03   C02    sing N N 108 
I77 C02   N01    sing N N 109 
I77 C02   O19    doub N N 110 
I77 C11   H111   sing N N 111 
I77 C17   H171   sing N N 112 
I77 C18   H181   sing N N 113 
I77 C04   H041   sing N N 114 
I77 C05   H051   sing N N 115 
I77 C06   H061   sing N N 116 
I77 N01   H011   sing N N 117 
I77 N01   H012   sing N N 118 
I77 N14   H141   sing N N 119 
I77 N15   H1     sing N N 120 
I77 N15   H2     sing N N 121 
LEU N     CA     sing N N 122 
LEU N     H      sing N N 123 
LEU N     H2     sing N N 124 
LEU CA    C      sing N N 125 
LEU CA    CB     sing N N 126 
LEU CA    HA     sing N N 127 
LEU C     O      doub N N 128 
LEU C     OXT    sing N N 129 
LEU CB    CG     sing N N 130 
LEU CB    HB2    sing N N 131 
LEU CB    HB3    sing N N 132 
LEU CG    CD1    sing N N 133 
LEU CG    CD2    sing N N 134 
LEU CG    HG     sing N N 135 
LEU CD1   HD11   sing N N 136 
LEU CD1   HD12   sing N N 137 
LEU CD1   HD13   sing N N 138 
LEU CD2   HD21   sing N N 139 
LEU CD2   HD22   sing N N 140 
LEU CD2   HD23   sing N N 141 
LEU OXT   HXT    sing N N 142 
MET N     CA     sing N N 143 
MET N     H      sing N N 144 
MET N     H2     sing N N 145 
MET CA    C      sing N N 146 
MET CA    CB     sing N N 147 
MET CA    HA     sing N N 148 
MET C     O      doub N N 149 
MET C     OXT    sing N N 150 
MET CB    CG     sing N N 151 
MET CB    HB2    sing N N 152 
MET CB    HB3    sing N N 153 
MET CG    SD     sing N N 154 
MET CG    HG2    sing N N 155 
MET CG    HG3    sing N N 156 
MET SD    CE     sing N N 157 
MET CE    HE1    sing N N 158 
MET CE    HE2    sing N N 159 
MET CE    HE3    sing N N 160 
MET OXT   HXT    sing N N 161 
OXE C1    C2     doub Y N 162 
OXE C1    C6     sing Y N 163 
OXE C1    "C1'"  sing N N 164 
OXE C2    C3     sing Y N 165 
OXE C2    "C2'"  sing N N 166 
OXE C3    C4     doub Y N 167 
OXE C3    H3     sing N N 168 
OXE C4    C5     sing Y N 169 
OXE C4    H4     sing N N 170 
OXE C5    C6     doub Y N 171 
OXE C5    H5     sing N N 172 
OXE C6    H6     sing N N 173 
OXE "C1'" "H1'1" sing N N 174 
OXE "C1'" "H1'2" sing N N 175 
OXE "C1'" "H1'3" sing N N 176 
OXE "C2'" "H2'1" sing N N 177 
OXE "C2'" "H2'2" sing N N 178 
OXE "C2'" "H2'3" sing N N 179 
SER N     CA     sing N N 180 
SER N     H      sing N N 181 
SER N     H2     sing N N 182 
SER CA    C      sing N N 183 
SER CA    CB     sing N N 184 
SER CA    HA     sing N N 185 
SER C     O      doub N N 186 
SER C     OXT    sing N N 187 
SER CB    OG     sing N N 188 
SER CB    HB2    sing N N 189 
SER CB    HB3    sing N N 190 
SER OG    HG     sing N N 191 
SER OXT   HXT    sing N N 192 
# 
_pdbx_audit_support.funding_organization   'Department of Energy (DOE, United States)' 
_pdbx_audit_support.country                'United States' 
_pdbx_audit_support.grant_number           DE-AC02-06CH11357 
_pdbx_audit_support.ordinal                1 
# 
_pdbx_initial_refinement_model.id               1 
_pdbx_initial_refinement_model.entity_id_list   ? 
_pdbx_initial_refinement_model.type             'experimental model' 
_pdbx_initial_refinement_model.source_name      PDB 
_pdbx_initial_refinement_model.accession_code   7TLS 
_pdbx_initial_refinement_model.details          ? 
# 
_space_group.name_H-M_alt     'P 1 21 1' 
_space_group.name_Hall        'P 2yb' 
_space_group.IT_number        4 
_space_group.crystal_system   monoclinic 
_space_group.id               1 
# 
_atom_sites.entry_id                    9C06 
_atom_sites.Cartn_transf_matrix[1][1]   ? 
_atom_sites.Cartn_transf_matrix[1][2]   ? 
_atom_sites.Cartn_transf_matrix[1][3]   ? 
_atom_sites.Cartn_transf_matrix[2][1]   ? 
_atom_sites.Cartn_transf_matrix[2][2]   ? 
_atom_sites.Cartn_transf_matrix[2][3]   ? 
_atom_sites.Cartn_transf_matrix[3][1]   ? 
_atom_sites.Cartn_transf_matrix[3][2]   ? 
_atom_sites.Cartn_transf_matrix[3][3]   ? 
_atom_sites.Cartn_transf_vector[1]      ? 
_atom_sites.Cartn_transf_vector[2]      ? 
_atom_sites.Cartn_transf_vector[3]      ? 
_atom_sites.Cartn_transform_axes        ? 
_atom_sites.fract_transf_matrix[1][1]   -0.04569429 
_atom_sites.fract_transf_matrix[1][2]   0.00359333 
_atom_sites.fract_transf_matrix[1][3]   0.05817960 
_atom_sites.fract_transf_matrix[2][1]   -0.05468514 
_atom_sites.fract_transf_matrix[2][2]   0.02358896 
_atom_sites.fract_transf_matrix[2][3]   -0.04440666 
_atom_sites.fract_transf_matrix[3][1]   -0.01091345 
_atom_sites.fract_transf_matrix[3][2]   -0.03095333 
_atom_sites.fract_transf_matrix[3][3]   -0.00300300 
_atom_sites.fract_transf_vector[1]      -0.417658 
_atom_sites.fract_transf_vector[2]      0.177627 
_atom_sites.fract_transf_vector[3]      -0.212035 
_atom_sites.solution_primary            ? 
_atom_sites.solution_secondary          ? 
_atom_sites.solution_hydrogens          ? 
_atom_sites.special_details             ? 
# 
loop_
_atom_type.symbol 
_atom_type.scat_dispersion_real 
_atom_type.scat_dispersion_imag 
_atom_type.scat_Cromer_Mann_a1 
_atom_type.scat_Cromer_Mann_a2 
_atom_type.scat_Cromer_Mann_a3 
_atom_type.scat_Cromer_Mann_a4 
_atom_type.scat_Cromer_Mann_b1 
_atom_type.scat_Cromer_Mann_b2 
_atom_type.scat_Cromer_Mann_b3 
_atom_type.scat_Cromer_Mann_b4 
_atom_type.scat_Cromer_Mann_c 
_atom_type.scat_source 
_atom_type.scat_dispersion_source 
C  ? ? 2.51340 1.74867 1.72398 ? 31.80534 0.44561  10.58317 ? 0.0 
;3-Gaussian fit: Grosse-Kunstleve RW, Sauter NK, Adams PD: Newsletter of the IUCr Commission on Crystallographic Computing 2004, 3, 22-31.
;
? 
CL ? ? 9.50761 7.44341 ?       ? 1.04373  23.83732 ?        ? 0.0 
;2-Gaussian fit: Grosse-Kunstleve RW, Sauter NK, Adams PD: Newsletter of the IUCr Commission on Crystallographic Computing 2004, 3, 22-31.
;
? 
H  ? ? 0.53795 0.34799 0.11320 ? 10.08003 29.74760 2.57510  ? 0.0 
;3-Gaussian fit: Grosse-Kunstleve RW, Sauter NK, Adams PD: Newsletter of the IUCr Commission on Crystallographic Computing 2004, 3, 22-31.
;
? 
N  ? ? 2.99955 2.25584 1.72788 ? 23.27268 7.45433  0.31622  ? 0.0 
;3-Gaussian fit: Grosse-Kunstleve RW, Sauter NK, Adams PD: Newsletter of the IUCr Commission on Crystallographic Computing 2004, 3, 22-31.
;
? 
O  ? ? 3.21184 3.04156 1.73156 ? 18.83700 5.90590  0.24126  ? 0.0 
;3-Gaussian fit: Grosse-Kunstleve RW, Sauter NK, Adams PD: Newsletter of the IUCr Commission on Crystallographic Computing 2004, 3, 22-31.
;
? 
S  ? ? 6.83013 6.13863 2.99358 ? 0.66409  30.18870 3.52397  ? 0.0 
;3-Gaussian fit: Grosse-Kunstleve RW, Sauter NK, Adams PD: Newsletter of the IUCr Commission on Crystallographic Computing 2004, 3, 22-31.
;
? 
# 
loop_
_atom_site.group_PDB 
_atom_site.id 
_atom_site.type_symbol 
_atom_site.label_atom_id 
_atom_site.label_alt_id 
_atom_site.label_comp_id 
_atom_site.label_asym_id 
_atom_site.label_entity_id 
_atom_site.label_seq_id 
_atom_site.pdbx_PDB_ins_code 
_atom_site.Cartn_x 
_atom_site.Cartn_y 
_atom_site.Cartn_z 
_atom_site.occupancy 
_atom_site.B_iso_or_equiv 
_atom_site.pdbx_formal_charge 
_atom_site.auth_seq_id 
_atom_site.auth_comp_id 
_atom_site.auth_asym_id 
_atom_site.auth_atom_id 
_atom_site.pdbx_PDB_model_num 
ATOM   1   N  N      . LEU A 1 1 ? 0.04923  2.48753   -6.86152  1.000 7.68510  ? 2   LEU A N      1 
ATOM   2   C  CA     . LEU A 1 1 ? -0.66932 1.30307   -6.43882  1.000 6.65081  ? 2   LEU A CA     1 
ATOM   3   C  C      . LEU A 1 1 ? 0.03860  0.59100   -5.29829  1.000 6.15339  ? 2   LEU A C      1 
ATOM   4   O  O      . LEU A 1 1 ? -0.60049 0.17220   -4.33290  1.000 6.44024  ? 2   LEU A O      1 
ATOM   5   C  CB     . LEU A 1 1 ? -0.86313 0.34966   -7.62294  1.000 7.70617  ? 2   LEU A CB     1 
ATOM   6   C  CG     . LEU A 1 1 ? -1.58610 -0.95825  -7.27213  1.000 8.34313  ? 2   LEU A CG     1 
ATOM   7   C  CD1    . LEU A 1 1 ? -2.95853 -0.70826  -6.65891  1.000 9.43535  ? 2   LEU A CD1    1 
ATOM   8   C  CD2    . LEU A 1 1 ? -1.71017 -1.84863  -8.49439  1.000 10.19595 ? 2   LEU A CD2    1 
ATOM   9   H  H1     . LEU A 1 1 ? -0.00714 2.64293   -7.70632  1.000 9.22212  ? 2   LEU A H1     1 
ATOM   10  H  HA     . LEU A 1 1 ? -1.54383 1.56857   -6.11379  1.000 7.98097  ? 2   LEU A HA     1 
ATOM   11  H  HB2    . LEU A 1 1 ? -1.38775 0.80280   -8.30142  1.000 9.24740  ? 2   LEU A HB2    1 
ATOM   12  H  HB3    . LEU A 1 1 ? 0.00909  0.11738   -7.97818  1.000 9.24740  ? 2   LEU A HB3    1 
ATOM   13  H  HG     . LEU A 1 1 ? -1.05318 -1.41888  -6.60525  1.000 10.01175 ? 2   LEU A HG     1 
ATOM   14  H  HD11   . LEU A 1 1 ? -2.85035 -0.20291  -5.83804  1.000 11.32242 ? 2   LEU A HD11   1 
ATOM   15  H  HD12   . LEU A 1 1 ? -3.49875 -0.20527  -7.28824  1.000 11.32242 ? 2   LEU A HD12   1 
ATOM   16  H  HD13   . LEU A 1 1 ? -3.37976 -1.56118  -6.46918  1.000 11.32242 ? 2   LEU A HD13   1 
ATOM   17  H  HD21   . LEU A 1 1 ? -2.33018 -1.44193  -9.11975  1.000 12.23514 ? 2   LEU A HD21   1 
ATOM   18  H  HD22   . LEU A 1 1 ? -0.83735 -1.94172  -8.90721  1.000 12.23514 ? 2   LEU A HD22   1 
ATOM   19  H  HD23   . LEU A 1 1 ? -2.04046 -2.71824  -8.21940  1.000 12.23514 ? 2   LEU A HD23   1 
HETATM 20  N  N      . AIB A 1 2 ? 1.35404  0.44096   -5.40230  1.000 6.28232  ? 3   AIB A N      1 
HETATM 21  C  CA     . AIB A 1 2 ? 2.11413  -0.19043  -4.34302  1.000 6.70609  ? 3   AIB A CA     1 
HETATM 22  C  C      . AIB A 1 2 ? 1.76875  0.40292   -2.95212  1.000 6.30339  ? 3   AIB A C      1 
HETATM 23  O  O      . AIB A 1 2 ? 1.52409  -0.28698  -1.97777  1.000 7.04821  ? 3   AIB A O      1 
HETATM 24  C  CB1    . AIB A 1 2 ? 1.83091  -1.70847  -4.32732  1.000 7.57983  ? 3   AIB A CB1    1 
HETATM 25  C  CB2    . AIB A 1 2 ? 3.62260  -0.05399  -4.57999  1.000 7.44824  ? 3   AIB A CB2    1 
HETATM 26  H  H      . AIB A 1 2 ? 1.85720  0.41360   -6.26722  1.000 7.53878  ? 3   AIB A H      1 
HETATM 27  H  HB11   . AIB A 1 2 ? 2.46763  -2.20217  -3.55512  1.000 9.09580  ? 3   AIB A HB11   1 
HETATM 28  H  HB12   . AIB A 1 2 ? 0.75598  -1.88833  -4.08725  1.000 9.09580  ? 3   AIB A HB12   1 
HETATM 29  H  HB13   . AIB A 1 2 ? 2.06204  -2.14484  -5.32813  1.000 9.09580  ? 3   AIB A HB13   1 
HETATM 30  H  HB21   . AIB A 1 2 ? 4.16659  -0.36209  -3.65434  1.000 8.93789  ? 3   AIB A HB21   1 
HETATM 31  H  HB22   . AIB A 1 2 ? 3.91908  -0.71286  -5.43187  1.000 8.93789  ? 3   AIB A HB22   1 
HETATM 32  H  HB23   . AIB A 1 2 ? 3.85888  1.01036   -4.82292  1.000 8.93789  ? 3   AIB A HB23   1 
ATOM   33  N  N      A SER A 1 3 ? 1.75796  1.72397   -2.89032  0.981 6.52975  ? 4   SER A N      1 
ATOM   34  N  N      B SER A 1 3 ? 1.72881  1.72916   -2.87507  0.019 6.26128  ? 4   SER A N      1 
ATOM   35  C  CA     A SER A 1 3 ? 1.43632  2.40709   -1.64537  0.981 7.74565  ? 4   SER A CA     1 
ATOM   36  C  CA     B SER A 1 3 ? 1.42786  2.38929   -1.60674  0.019 6.28760  ? 4   SER A CA     1 
ATOM   37  C  C      A SER A 1 3 ? 0.00789  2.10255   -1.19207  0.981 7.20877  ? 4   SER A C      1 
ATOM   38  C  C      B SER A 1 3 ? -0.00403 2.10317   -1.17864  0.019 6.38761  ? 4   SER A C      1 
ATOM   39  O  O      A SER A 1 3 ? -0.25141 1.93177   -0.00122  0.981 7.52194  ? 4   SER A O      1 
ATOM   40  O  O      B SER A 1 3 ? -0.28161 1.92807   0.00752   0.019 6.40340  ? 4   SER A O      1 
ATOM   41  C  CB     A SER A 1 3 ? 1.59353  3.92598   -1.81662  0.981 9.79856  ? 4   SER A CB     1 
ATOM   42  C  CB     B SER A 1 3 ? 1.64759  3.90030   -1.69925  0.019 6.18758  ? 4   SER A CB     1 
ATOM   43  O  OG     A SER A 1 3 ? 2.93692  4.24650   -2.06202  0.981 10.46439 ? 4   SER A OG     1 
ATOM   44  O  OG     B SER A 1 3 ? 0.53378  4.54518   -2.29182  0.019 6.11389  ? 4   SER A OG     1 
ATOM   45  H  H      A SER A 1 3 ? 1.93215  2.24642   -3.55085  0.981 7.83570  ? 4   SER A H      1 
ATOM   46  H  H      B SER A 1 3 ? 1.87038  2.26334   -3.53402  0.019 7.51353  ? 4   SER A H      1 
ATOM   47  H  HA     A SER A 1 3 ? 2.04788  2.09861   -0.95855  0.981 9.29479  ? 4   SER A HA     1 
ATOM   48  H  HA     B SER A 1 3 ? 2.03175  2.04610   -0.92965  0.019 7.54511  ? 4   SER A HA     1 
ATOM   49  H  HB2    A SER A 1 3 ? 1.05349  4.21979   -2.56691  0.981 11.75827 ? 4   SER A HB2    1 
ATOM   50  H  HB2    B SER A 1 3 ? 1.77683  4.25436   -0.80548  0.019 7.42510  ? 4   SER A HB2    1 
ATOM   51  H  HB3    A SER A 1 3 ? 1.30300  4.37011   -1.00468  0.981 11.75827 ? 4   SER A HB3    1 
ATOM   52  H  HB3    B SER A 1 3 ? 2.43415  4.07092   -2.24063  0.019 7.42510  ? 4   SER A HB3    1 
ATOM   53  H  HG     A SER A 1 3 ? 3.01288  5.06915   -2.21396  0.981 12.55727 ? 4   SER A HG     1 
ATOM   54  H  HG     B SER A 1 3 ? 0.68858  5.36650   -2.37591  0.019 7.33667  ? 4   SER A HG     1 
HETATM 55  N  N      . 200 A 1 4 ? -0.91312 2.05704   -2.14620  1.000 6.47710  ? 5   200 A N      1 
HETATM 56  C  CA     . 200 A 1 4 ? -2.29072 1.79908   -1.85859  1.000 6.95084  ? 5   200 A CA     1 
HETATM 57  C  C      . 200 A 1 4 ? -2.54978 0.40346   -1.29157  1.000 6.30605  ? 5   200 A C      1 
HETATM 58  O  O      . 200 A 1 4 ? -3.52976 0.15361   -0.58314  1.000 7.85092  ? 5   200 A O      1 
HETATM 59  C  CB     . 200 A 1 4 ? -3.23143 2.04212   -3.06048  1.000 7.51669  ? 5   200 A CB     1 
HETATM 60  C  CG     . 200 A 1 4 ? -3.04746 3.38667   -3.68667  1.000 8.99320  ? 5   200 A CG     1 
HETATM 61  C  CD1    . 200 A 1 4 ? -3.33707 3.54450   -5.03101  1.000 8.44577  ? 5   200 A CD1    1 
HETATM 62  C  CD2    . 200 A 1 4 ? -2.58541 4.50316   -2.97250  1.000 10.17228 ? 5   200 A CD2    1 
HETATM 63  C  CE1    . 200 A 1 4 ? -3.16481 4.76288   -5.67056  1.000 10.24334 ? 5   200 A CE1    1 
HETATM 64  C  CE2    . 200 A 1 4 ? -2.41137 5.73424   -3.59672  1.000 11.11187 ? 5   200 A CE2    1 
HETATM 65  C  CZ     . 200 A 1 4 ? -2.69558 5.86731   -4.95476  1.000 11.95931 ? 5   200 A CZ     1 
HETATM 66  CL CL     . 200 A 1 4 ? -2.47509 7.37204   -5.73768  1.000 14.23853 ? 5   200 A CL     1 
HETATM 67  H  H      . 200 A 1 4 ? -0.75193 2.19187   -3.12489  1.000 7.77252  ? 5   200 A H      1 
HETATM 68  H  HA     . 200 A 1 4 ? -2.61246 2.51327   -1.03999  1.000 8.34101  ? 5   200 A HA     1 
HETATM 69  H  HB2    . 200 A 1 4 ? -4.29518 1.94230   -2.71791  1.000 9.02003  ? 5   200 A HB2    1 
HETATM 70  H  HB3    . 200 A 1 4 ? -3.04675 1.25136   -3.83475  1.000 9.02003  ? 5   200 A HB3    1 
HETATM 71  H  HD1    . 200 A 1 4 ? -3.71277 2.68574   -5.60858  1.000 10.13492 ? 5   200 A HD1    1 
HETATM 72  H  HD2    . 200 A 1 4 ? -2.35660 4.40393   -1.90012  1.000 12.20673 ? 5   200 A HD2    1 
HETATM 73  H  HE1    . 200 A 1 4 ? -3.39833 4.85703   -6.74136  1.000 12.29201 ? 5   200 A HE1    1 
HETATM 74  H  HE2    . 200 A 1 4 ? -2.05072 6.59751   -3.01820  1.000 13.33424 ? 5   200 A HE2    1 
ATOM   75  N  N      . LEU A 1 5 ? -1.64928 -0.52659  -1.59701  1.000 6.56659  ? 6   LEU A N      1 
ATOM   76  C  CA     . LEU A 1 5 ? -1.71969 -1.86962  -1.02903  1.000 7.19823  ? 6   LEU A CA     1 
ATOM   77  C  C      . LEU A 1 5 ? -0.86487 -2.00744  0.22664   1.000 6.86399  ? 6   LEU A C      1 
ATOM   78  O  O      . LEU A 1 5 ? -1.29436 -2.62809  1.19623   1.000 7.75881  ? 6   LEU A O      1 
ATOM   79  C  CB     . LEU A 1 5 ? -1.29530 -2.91541  -2.05680  1.000 7.86148  ? 6   LEU A CB     1 
ATOM   80  C  CG     . LEU A 1 5 ? -2.07958 -2.88872  -3.37088  1.000 9.23797  ? 6   LEU A CG     1 
ATOM   81  C  CD1    . LEU A 1 5 ? -1.53364 -3.95518  -4.34741  1.000 10.57494 ? 6   LEU A CD1    1 
ATOM   82  C  CD2    . LEU A 1 5 ? -3.59422 -3.08623  -3.10023  1.000 10.32754 ? 6   LEU A CD2    1 
ATOM   83  H  H      . LEU A 1 5 ? -0.98675 -0.40462  -2.13159  0.832 7.87990  ? 6   LEU A H      1 
ATOM   84  H  HA     . LEU A 1 5 ? -2.64119 -2.03941  -0.77821  0.292 8.63788  ? 6   LEU A HA     1 
ATOM   85  H  HB2    . LEU A 1 5 ? -0.36070 -2.77089  -2.27248  1.000 9.43378  ? 6   LEU A HB2    1 
ATOM   86  H  HB3    . LEU A 1 5 ? -1.41323 -3.79493  -1.66511  0.573 9.43378  ? 6   LEU A HB3    1 
ATOM   87  H  HG     . LEU A 1 5 ? -1.97020 -2.02359  -3.79571  0.061 11.08557 ? 6   LEU A HG     1 
ATOM   88  H  HD11   . LEU A 1 5 ? -1.88268 -3.77875  -5.23507  1.000 12.68992 ? 6   LEU A HD11   1 
ATOM   89  H  HD12   . LEU A 1 5 ? -0.56485 -3.90772  -4.35746  1.000 12.68992 ? 6   LEU A HD12   1 
ATOM   90  H  HD13   . LEU A 1 5 ? -1.81875 -4.83274  -4.04826  0.440 12.68992 ? 6   LEU A HD13   1 
ATOM   91  H  HD21   . LEU A 1 5 ? -3.70878 -3.79669  -2.44983  1.000 12.39304 ? 6   LEU A HD21   1 
ATOM   92  H  HD22   . LEU A 1 5 ? -3.96381 -2.25865  -2.75466  1.000 12.39304 ? 6   LEU A HD22   1 
ATOM   93  H  HD23   . LEU A 1 5 ? -4.03508 -3.32397  -3.93090  0.469 12.39304 ? 6   LEU A HD23   1 
ATOM   94  N  N      . MET A 1 6 ? 0.35393  -1.45535  0.20272   1.000 6.69031  ? 7   MET A N      1 
ATOM   95  C  CA     . MET A 1 6 ? 1.21826  -1.53238  1.37586   1.000 7.15085  ? 7   MET A CA     1 
ATOM   96  C  C      . MET A 1 6 ? 0.72240  -0.74193  2.58355   1.000 6.96400  ? 7   MET A C      1 
ATOM   97  O  O      . MET A 1 6 ? 1.24586  -0.95015  3.68676   1.000 7.42985  ? 7   MET A O      1 
ATOM   98  C  CB     . MET A 1 6 ? 2.71802  -1.31461  1.13501   1.000 8.80108  ? 7   MET A CB     1 
ATOM   99  C  CG     . MET A 1 6 ? 3.30357  -1.99971  -0.04863  1.000 8.41158  ? 7   MET A CG     1 
ATOM   100 S  SD     . MET A 1 6 ? 4.97562  -1.39564  -0.36231  1.000 9.86171  ? 7   MET A SD     1 
ATOM   101 C  CE     . MET A 1 6 ? 5.48846  -2.56121  -1.64442  1.000 9.55377  ? 7   MET A CE     1 
ATOM   102 H  H      . MET A 1 6 ? 0.69326  -1.03968  -0.46935  1.000 8.02837  ? 7   MET A H      1 
ATOM   103 H  HA     . MET A 1 6 ? 1.19424  -2.47668  1.59640   1.000 8.58102  ? 7   MET A HA     1 
ATOM   104 H  HB2    . MET A 1 6 ? 2.86970  -0.36375  1.01776   1.000 10.56130 ? 7   MET A HB2    1 
ATOM   105 H  HB3    . MET A 1 6 ? 3.19819  -1.63345  1.91518   1.000 10.56130 ? 7   MET A HB3    1 
ATOM   106 H  HG2    . MET A 1 6 ? 3.34494  -2.95473  0.11606   1.000 10.09389 ? 7   MET A HG2    1 
ATOM   107 H  HG3    . MET A 1 6 ? 2.75787  -1.82122  -0.83046  1.000 10.09389 ? 7   MET A HG3    1 
ATOM   108 H  HE1    . MET A 1 6 ? 6.39263  -2.34687  -1.92270  1.000 11.46452 ? 7   MET A HE1    1 
ATOM   109 H  HE2    . MET A 1 6 ? 5.45796  -3.46109  -1.28364  1.000 11.46452 ? 7   MET A HE2    1 
ATOM   110 H  HE3    . MET A 1 6 ? 4.88367  -2.48673  -2.39912  1.000 11.46452 ? 7   MET A HE3    1 
ATOM   111 N  N      . GLN A 1 7 ? -0.29140 0.09721   2.42858   1.000 6.72711  ? 8   GLN A N      1 
ATOM   112 C  CA     . GLN A 1 7 ? -0.88030 0.74533   3.58394   1.000 6.07181  ? 8   GLN A CA     1 
ATOM   113 C  C      . GLN A 1 7 ? -1.39583 -0.28585  4.59588   1.000 6.88237  ? 8   GLN A C      1 
ATOM   114 O  O      . GLN A 1 7 ? -1.58224 0.05183   5.77130   1.000 6.62185  ? 8   GLN A O      1 
ATOM   115 C  CB     . GLN A 1 7 ? -1.98802 1.70662   3.15515   1.000 6.31920  ? 8   GLN A CB     1 
ATOM   116 C  CG     . GLN A 1 7 ? -3.20811 1.02784   2.56280   1.000 7.15349  ? 8   GLN A CG     1 
ATOM   117 C  CD     . GLN A 1 7 ? -4.36816 1.98392   2.32032   1.000 6.84556  ? 8   GLN A CD     1 
ATOM   118 O  OE1    . GLN A 1 7 ? -4.76761 2.76864   3.20635   1.000 6.65080  ? 8   GLN A OE1    1 
ATOM   119 N  NE2    . GLN A 1 7 ? -4.93703 1.89886   1.11584   1.000 6.91134  ? 8   GLN A NE2    1 
ATOM   120 H  H      . GLN A 1 7 ? -0.64955 0.30338   1.67438   1.000 8.07253  ? 8   GLN A H      1 
ATOM   121 H  HA     . GLN A 1 7 ? -0.20263 1.27270   4.03510   1.000 7.28617  ? 8   GLN A HA     1 
ATOM   122 H  HB2    . GLN A 1 7 ? -2.27948 2.20954   3.93170   1.000 7.58304  ? 8   GLN A HB2    1 
ATOM   123 H  HB3    . GLN A 1 7 ? -1.63219 2.30959   2.48380   1.000 7.58304  ? 8   GLN A HB3    1 
ATOM   124 H  HG2    . GLN A 1 7 ? -2.96520 0.63194   1.71123   1.000 8.58418  ? 8   GLN A HG2    1 
ATOM   125 H  HG3    . GLN A 1 7 ? -3.51245 0.33897   3.17414   1.000 8.58418  ? 8   GLN A HG3    1 
ATOM   126 H  HE21   . GLN A 1 7 ? -4.64284 1.33142   0.54045   1.000 8.29361  ? 8   GLN A HE21   1 
ATOM   127 H  HE22   . GLN A 1 7 ? -5.59775 2.41149   0.91518   1.000 8.29361  ? 8   GLN A HE22   1 
HETATM 128 N  N      . AIB A 1 8 ? -1.63829 -1.52499  4.14999   1.000 6.34813  ? 9   AIB A N      1 
HETATM 129 C  CA     . AIB A 1 8 ? -1.98351 -2.61903  5.04527   1.000 7.07718  ? 9   AIB A CA     1 
HETATM 130 C  C      . AIB A 1 8 ? -0.99839 -2.74429  6.22571   1.000 7.34828  ? 9   AIB A C      1 
HETATM 131 O  O      . AIB A 1 8 ? -1.32973 -3.18069  7.33135   1.000 8.49310  ? 9   AIB A O      1 
HETATM 132 C  CB1    . AIB A 1 8 ? -3.39038 -2.43546  5.65169   1.000 8.17728  ? 9   AIB A CB1    1 
HETATM 133 C  CB2    . AIB A 1 8 ? -1.93103 -3.96563  4.30399   1.000 7.34563  ? 9   AIB A CB2    1 
HETATM 134 H  H      . AIB A 1 8 ? -1.94131 -1.73721  3.21985   1.000 7.61776  ? 9   AIB A H      1 
HETATM 135 H  HB11   . AIB A 1 8 ? -4.14920 -2.38860  4.83471   1.000 9.81274  ? 9   AIB A HB11   1 
HETATM 136 H  HB12   . AIB A 1 8 ? -3.62587 -3.29512  6.32324   1.000 9.81274  ? 9   AIB A HB12   1 
HETATM 137 H  HB13   . AIB A 1 8 ? -3.42562 -1.48833  6.24088   1.000 9.81274  ? 9   AIB A HB13   1 
HETATM 138 H  HB21   . AIB A 1 8 ? -2.10293 -4.79181  5.03582   1.000 8.81476  ? 9   AIB A HB21   1 
HETATM 139 H  HB22   . AIB A 1 8 ? -2.72615 -3.98146  3.51963   1.000 8.81476  ? 9   AIB A HB22   1 
HETATM 140 H  HB23   . AIB A 1 8 ? -0.92669 -4.08170  3.82912   1.000 8.81476  ? 9   AIB A HB23   1 
ATOM   141 N  N      . LEU A 1 9 ? 0.24952  -2.34969  5.95240   1.000 6.67449  ? 10  LEU A N      1 
ATOM   142 C  CA     . LEU A 1 9 ? 1.34696  -2.43239  6.91650   1.000 7.67991  ? 10  LEU A CA     1 
ATOM   143 C  C      . LEU A 1 9 ? 1.68914  -1.06713  7.51154   1.000 8.22201  ? 10  LEU A C      1 
ATOM   144 O  O      . LEU A 1 9 ? 2.74167  -0.85502  8.11027   1.000 9.20636  ? 10  LEU A O      1 
ATOM   145 C  CB     . LEU A 1 9 ? 2.59560  -3.00883  6.25170   1.000 10.19068 ? 10  LEU A CB     1 
ATOM   146 C  CG     . LEU A 1 9 ? 2.47260  -4.45540  5.79397   1.000 12.62263 ? 10  LEU A CG     1 
ATOM   147 C  CD1    . LEU A 1 9 ? 3.52721  -4.77714  4.71139   1.000 18.35214 ? 10  LEU A CD1    1 
ATOM   148 C  CD2    . LEU A 1 9 ? 2.59950  -5.37788  6.96373   1.000 17.78366 ? 10  LEU A CD2    1 
ATOM   149 H  H      . LEU A 1 9 ? 0.49096  -2.02195  5.19484   1.000 8.00939  ? 10  LEU A H      1 
ATOM   150 H  HA     . LEU A 1 9 ? 1.06860  -3.01647  7.63917   1.000 9.21589  ? 10  LEU A HA     1 
ATOM   151 H  HB2    . LEU A 1 9 ? 2.80154  -2.47253  5.47012   1.000 12.22881 ? 10  LEU A HB2    1 
ATOM   152 H  HB3    . LEU A 1 9 ? 3.32798  -2.96537  6.88623   1.000 12.22881 ? 10  LEU A HB3    1 
ATOM   153 H  HG     . LEU A 1 9 ? 1.59847  -4.59415  5.39703   1.000 15.14715 ? 10  LEU A HG     1 
ATOM   154 H  HD11   . LEU A 1 9 ? 3.45299  -5.71275  4.46639   1.000 22.02257 ? 10  LEU A HD11   1 
ATOM   155 H  HD12   . LEU A 1 9 ? 3.36412  -4.21813  3.93563   1.000 22.02257 ? 10  LEU A HD12   1 
ATOM   156 H  HD13   . LEU A 1 9 ? 4.41111  -4.59780  5.06840   1.000 22.02257 ? 10  LEU A HD13   1 
ATOM   157 H  HD21   . LEU A 1 9 ? 2.55496  -6.29445  6.64939   1.000 21.34039 ? 10  LEU A HD21   1 
ATOM   158 H  HD22   . LEU A 1 9 ? 3.45099  -5.21894  7.40033   1.000 21.34039 ? 10  LEU A HD22   1 
ATOM   159 H  HD23   . LEU A 1 9 ? 1.87299  -5.20479  7.58270   1.000 21.34039 ? 10  LEU A HD23   1 
HETATM 160 C  C11    . I77 B 2 . ? 2.67162  3.66655   7.83907   1.000 7.60357  ? 101 I77 A C11    1 
HETATM 161 C  C12    . I77 B 2 . ? 1.73365  3.23784   8.74982   1.000 7.09031  ? 101 I77 A C12    1 
HETATM 162 C  C13    . I77 B 2 . ? 1.21786  1.82178   8.67857   1.000 6.83242  ? 101 I77 A C13    1 
HETATM 163 C  C17    . I77 B 2 . ? 1.26284  4.08051   9.73677   1.000 6.98766  ? 101 I77 A C17    1 
HETATM 164 C  C18    . I77 B 2 . ? 1.76179  5.35468   9.77844   1.000 6.92451  ? 101 I77 A C18    1 
HETATM 165 C  C02    . I77 B 2 . ? 4.67570  11.10232  9.00995   1.000 7.26929  ? 101 I77 A C02    1 
HETATM 166 C  C03    . I77 B 2 . ? 4.21792  9.63824   8.92038   1.000 6.57974  ? 101 I77 A C03    1 
HETATM 167 C  C04    . I77 B 2 . ? 4.70361  8.79217   7.92376   1.000 7.56671  ? 101 I77 A C04    1 
HETATM 168 C  C05    . I77 B 2 . ? 4.21870  7.50549   7.90615   1.000 7.79829  ? 101 I77 A C05    1 
HETATM 169 C  C06    . I77 B 2 . ? 3.29226  9.20087   9.81923   1.000 6.44025  ? 101 I77 A C06    1 
HETATM 170 C  C08    . I77 B 2 . ? 3.27500  7.13577   8.85895   1.000 6.68765  ? 101 I77 A C08    1 
HETATM 171 C  C09    . I77 B 2 . ? 2.71907  5.72966   8.83757   1.000 7.10347  ? 101 I77 A C09    1 
HETATM 172 N  N01    . I77 B 2 . ? 5.71489  11.47823  8.13137   1.000 6.19287  ? 101 I77 A N01    1 
HETATM 173 N  N07    . I77 B 2 . ? 2.85161  7.97684   9.77529   1.000 7.11926  ? 101 I77 A N07    1 
HETATM 174 N  N10    . I77 B 2 . ? 3.13669  4.88698   7.90008   1.000 8.02726  ? 101 I77 A N10    1 
HETATM 175 N  N14    . I77 B 2 . ? 1.22801  1.26237   7.36957   1.000 7.12979  ? 101 I77 A N14    1 
HETATM 176 N  N15    . I77 B 2 . ? 0.77836  -0.03450  7.15198   1.000 6.96402  ? 101 I77 A N15    1 
HETATM 177 O  O16    . I77 B 2 . ? 0.83611  1.21087   9.62084   1.000 8.64050  ? 101 I77 A O16    1 
HETATM 178 O  O19    . I77 B 2 . ? 4.16479  11.92683  9.71312   1.000 8.96947  ? 101 I77 A O19    1 
HETATM 179 H  H111   . I77 B 2 . ? 3.02431  2.99399   7.07258   1.000 9.12428  ? 101 I77 A H111   1 
HETATM 180 H  H171   . I77 B 2 . ? 0.51901  3.74279   10.45841  1.000 8.38519  ? 101 I77 A H171   1 
HETATM 181 H  H181   . I77 B 2 . ? 1.41778  6.06080   10.53131  1.000 8.30942  ? 101 I77 A H181   1 
HETATM 182 H  H041   . I77 B 2 . ? 5.42394  9.13041   7.20252   1.000 9.08005  ? 101 I77 A H041   1 
HETATM 183 H  H051   . I77 B 2 . ? 4.56425  6.79455   7.16584   1.000 9.35795  ? 101 I77 A H051   1 
HETATM 184 H  H061   . I77 B 2 . ? 2.92014  9.87689   10.57625  1.000 7.72830  ? 101 I77 A H061   1 
HETATM 185 H  H011   . I77 B 2 . ? 6.13364  10.81000  7.52732   1.000 7.43145  ? 101 I77 A H011   1 
HETATM 186 H  H012   . I77 B 2 . ? 6.03313  12.42594  8.14434   1.000 7.43145  ? 101 I77 A H012   1 
HETATM 187 H  H141   . I77 B 2 . ? 1.56344  1.81021   6.59537   1.000 8.55575  ? 101 I77 A H141   1 
HETATM 188 H  H1     . I77 B 2 . ? 0.05206  -0.24934  7.81348   1.000 8.35683  ? 101 I77 A H1     1 
HETATM 189 C  C05    A I6W C 3 . ? 2.24777  6.31903   -7.38263  0.514 9.09845  ? 102 I6W A C05    1 
HETATM 190 C  C05    B I6W C 3 . ? 2.43605  5.91275   -7.74733  0.486 8.33783  ? 102 I6W A C05    1 
HETATM 191 C  C08    A I6W C 3 . ? 2.01196  7.25358   -6.41324  0.514 8.91687  ? 102 I6W A C08    1 
HETATM 192 C  C08    B I6W C 3 . ? 2.24860  7.00917   -6.95864  0.486 9.62482  ? 102 I6W A C08    1 
HETATM 193 C  C09    A I6W C 3 . ? 2.64650  8.61652   -6.51821  0.514 8.54313  ? 102 I6W A C09    1 
HETATM 194 C  C09    B I6W C 3 . ? 3.01523  8.27368   -7.25337  0.486 10.53019 ? 102 I6W A C09    1 
HETATM 195 N  N10    A I6W C 3 . ? 3.48211  8.85121   -7.49411  0.514 8.44312  ? 102 I6W A N10    1 
HETATM 196 N  N10    B I6W C 3 . ? 3.86463  8.30337   -8.24975  0.486 11.61452 ? 102 I6W A N10    1 
HETATM 197 C  C02    A I6W C 3 . ? 0.26531  3.45961   -5.83736  0.514 7.33775  ? 102 I6W A C02    1 
HETATM 198 C  C02    B I6W C 3 . ? 0.08885  3.54236   -5.89957  0.486 8.58523  ? 102 I6W A C02    1 
HETATM 199 C  C03    A I6W C 3 . ? 0.92258  4.81574   -6.10660  0.514 9.83009  ? 102 I6W A C03    1 
HETATM 200 C  C03    B I6W C 3 . ? 0.89295  4.77006   -6.34158  0.486 7.66934  ? 102 I6W A C03    1 
HETATM 201 C  C04    A I6W C 3 . ? 1.68065  5.03993   -7.24535  0.514 9.36692  ? 102 I6W A C04    1 
HETATM 202 C  C04    B I6W C 3 . ? 1.73729  4.73235   -7.44335  0.486 8.14835  ? 102 I6W A C04    1 
HETATM 203 C  C06    A I6W C 3 . ? 0.74979  5.80126   -5.15817  0.514 10.57231 ? 102 I6W A C06    1 
HETATM 204 C  C06    B I6W C 3 . ? 0.76768  5.91215   -5.57976  0.486 8.53260  ? 102 I6W A C06    1 
HETATM 205 C  C11    A I6W C 3 . ? 4.08455  10.01603  -7.60798  0.514 9.80643  ? 102 I6W A C11    1 
HETATM 206 C  C11    B I6W C 3 . ? 4.56346  9.38715   -8.52293  0.486 11.59875 ? 102 I6W A C11    1 
HETATM 207 C  C12    A I6W C 3 . ? 3.85023  11.01183  -6.67017  0.514 11.02236 ? 102 I6W A C12    1 
HETATM 208 C  C12    B I6W C 3 . ? 4.40868  10.51117  -7.72950  0.486 11.97775 ? 102 I6W A C12    1 
HETATM 209 C  C13    A I6W C 3 . ? 4.59523  12.35951  -6.85251  0.514 11.05661 ? 102 I6W A C13    1 
HETATM 210 C  C13    B I6W C 3 . ? 5.23869  11.77850  -8.04700  0.486 12.08040 ? 102 I6W A C13    1 
HETATM 211 C  C15    A I6W C 3 . ? 6.37978  13.43355  -8.13632  0.514 14.19641 ? 102 I6W A C15    1 
HETATM 212 C  C15    B I6W C 3 . ? 6.87939  12.91984  -9.38170  0.486 13.70165 ? 102 I6W A C15    1 
HETATM 213 C  C16    A I6W C 3 . ? 7.39517  13.02008  -9.23968  0.514 15.26232 ? 102 I6W A C16    1 
HETATM 214 C  C16    B I6W C 3 . ? 8.15097  12.60005  -10.19544 0.486 13.35424 ? 102 I6W A C16    1 
HETATM 215 C  C18    A I6W C 3 . ? 2.99870  10.79141  -5.62236  0.514 9.83014  ? 102 I6W A C18    1 
HETATM 216 C  C18    B I6W C 3 . ? 3.54128  10.51158  -6.66396  0.486 11.90404 ? 102 I6W A C18    1 
HETATM 217 C  C19    A I6W C 3 . ? 2.38629  9.54537   -5.54423  0.514 10.13277 ? 102 I6W A C19    1 
HETATM 218 C  C19    B I6W C 3 . ? 2.82558  9.34651   -6.41645  0.486 10.03543 ? 102 I6W A C19    1 
HETATM 219 N  N07    A I6W C 3 . ? 1.30049  6.98617   -5.32879  0.514 9.79856  ? 102 I6W A N07    1 
HETATM 220 N  N07    B I6W C 3 . ? 1.44320  6.99682   -5.90217  0.486 8.80632  ? 102 I6W A N07    1 
HETATM 221 O  O01    A I6W C 3 . ? -0.01524 3.20871   -4.69692  0.514 7.42195  ? 102 I6W A O01    1 
HETATM 222 O  O01    B I6W C 3 . ? 0.10012  3.26091   -4.73124  0.486 8.01150  ? 102 I6W A O01    1 
HETATM 223 O  O14    A I6W C 3 . ? 5.38108  12.41164  -8.03645  0.514 12.45942 ? 102 I6W A O14    1 
HETATM 224 O  O14    B I6W C 3 . ? 6.22587  11.67753  -9.06608  0.486 13.29105 ? 102 I6W A O14    1 
HETATM 225 O  O17    A I6W C 3 . ? 4.52016  13.23658  -6.06649  0.514 10.87499 ? 102 I6W A O17    1 
HETATM 226 O  O17    B I6W C 3 . ? 5.04773  12.76691  -7.44421  0.486 13.20681 ? 102 I6W A O17    1 
HETATM 227 H  H051   A I6W C 3 . ? 2.85275  6.55694   -8.22998  0.514 10.91814 ? 102 I6W A H051   1 
HETATM 228 H  H051   B I6W C 3 . ? 3.10226  5.95092   -8.58121  0.486 10.00540 ? 102 I6W A H051   1 
HETATM 229 H  H041   A I6W C 3 . ? 1.83319  4.24213   -8.01648  0.514 11.24031 ? 102 I6W A H041   1 
HETATM 230 H  H041   B I6W C 3 . ? 1.85522  3.80480   -8.05992  0.486 9.77802  ? 102 I6W A H041   1 
HETATM 231 H  H061   A I6W C 3 . ? 0.15895  5.60033   -4.26939  0.514 12.68677 ? 102 I6W A H061   1 
HETATM 232 H  H061   B I6W C 3 . ? 0.11216  5.91758   -4.71393  0.486 10.23912 ? 102 I6W A H061   1 
HETATM 233 H  H111   A I6W C 3 . ? 4.75129  10.19432  -8.41909  0.514 11.76771 ? 102 I6W A H111   1 
HETATM 234 H  H111   B I6W C 3 . ? 5.24009  9.39822   -9.34529  0.486 13.91850 ? 102 I6W A H111   1 
HETATM 235 H  H152   A I6W C 3 . ? 6.89290  13.53657  -7.18817  0.514 17.03569 ? 102 I6W A H152   1 
HETATM 236 H  H152   B I6W C 3 . ? 7.14942  13.43414  -8.46767  0.486 16.44197 ? 102 I6W A H152   1 
HETATM 237 H  H151   A I6W C 3 . ? 5.91422  14.37436  -8.40277  0.514 17.03569 ? 102 I6W A H151   1 
HETATM 238 H  H151   B I6W C 3 . ? 6.21649  13.54360  -9.96854  0.486 16.44197 ? 102 I6W A H151   1 
HETATM 239 H  H162   A I6W C 3 . ? 7.96815  13.90865  -9.56427  0.514 18.31479 ? 102 I6W A H162   1 
HETATM 240 H  H162   B I6W C 3 . ? 8.61865  13.54357  -10.53346 0.486 16.02509 ? 102 I6W A H162   1 
HETATM 241 H  H163   A I6W C 3 . ? 6.84853  12.59751  -10.10330 0.514 18.31479 ? 102 I6W A H163   1 
HETATM 242 H  H163   B I6W C 3 . ? 7.88055  11.98623  -11.07483 0.486 16.02509 ? 102 I6W A H163   1 
HETATM 243 H  H161   A I6W C 3 . ? 8.08972  12.26054  -8.83480  0.514 18.31479 ? 102 I6W A H161   1 
HETATM 244 H  H161   B I6W C 3 . ? 8.86364  12.04150  -9.56034  0.486 16.02509 ? 102 I6W A H161   1 
HETATM 245 H  H181   A I6W C 3 . ? 2.80681  11.56264  -4.87638  0.514 11.79616 ? 102 I6W A H181   1 
HETATM 246 H  H181   B I6W C 3 . ? 3.41826  11.39324  -6.03497  0.486 14.28485 ? 102 I6W A H181   1 
HETATM 247 H  H191   A I6W C 3 . ? 1.71157  9.31158   -4.72334  0.514 12.15932 ? 102 I6W A H191   1 
HETATM 248 H  H191   B I6W C 3 . ? 2.13205  9.28549   -5.58035  0.486 12.04251 ? 102 I6W A H191   1 
HETATM 249 C  C1     . OXE D 4 . ? -1.23759 -8.08288  5.63896   1.000 13.00951 ? 103 OXE A C1     1 
HETATM 250 C  C2     . OXE D 4 . ? -1.59294 -7.82887  6.96200   1.000 14.57284 ? 103 OXE A C2     1 
HETATM 251 C  C3     . OXE D 4 . ? -2.65673 -8.53718  7.51026   1.000 13.43054 ? 103 OXE A C3     1 
HETATM 252 C  C4     . OXE D 4 . ? -3.36911 -9.48052  6.79690   1.000 12.19093 ? 103 OXE A C4     1 
HETATM 253 C  C5     . OXE D 4 . ? -3.01107 -9.73521  5.48472   1.000 11.18031 ? 103 OXE A C5     1 
HETATM 254 C  C6     . OXE D 4 . ? -1.95052 -9.03817  4.91751   1.000 11.58823 ? 103 OXE A C6     1 
HETATM 255 C  "C1'"  . OXE D 4 . ? -0.10659 -7.34576  5.01212   1.000 17.02831 ? 103 OXE A "C1'"  1 
HETATM 256 C  "C2'"  . OXE D 4 . ? -0.84752 -6.82211  7.78120   1.000 21.62357 ? 103 OXE A "C2'"  1 
HETATM 257 H  H3     . OXE D 4 . ? -2.89565 -8.36664  8.39271   1.000 16.11664 ? 103 OXE A H3     1 
HETATM 258 H  H4     . OXE D 4 . ? -4.07641 -9.93450  7.19506   1.000 14.62912 ? 103 OXE A H4     1 
HETATM 259 H  H5     . OXE D 4 . ? -3.47355 -10.36683 4.98265   1.000 13.41637 ? 103 OXE A H5     1 
HETATM 260 H  H6     . OXE D 4 . ? -1.70929 -9.21165  4.03625   1.000 13.90588 ? 103 OXE A H6     1 
HETATM 261 H  "H1'1" . OXE D 4 . ? 0.19857  -7.77644  4.19832   1.000 20.43397 ? 103 OXE A "H1'1" 1 
HETATM 262 H  "H1'2" . OXE D 4 . ? 0.65876  -7.28625  5.60507   1.000 20.43397 ? 103 OXE A "H1'2" 1 
HETATM 263 H  "H1'3" . OXE D 4 . ? -0.35344 -6.43778  4.77649   1.000 20.43397 ? 103 OXE A "H1'3" 1 
HETATM 264 H  "H2'1" . OXE D 4 . ? -0.96665 -5.92090  7.44281   1.000 25.94829 ? 103 OXE A "H2'1" 1 
HETATM 265 H  "H2'2" . OXE D 4 . ? -1.14207 -6.81838  8.70539   1.000 25.94829 ? 103 OXE A "H2'2" 1 
HETATM 266 H  "H2'3" . OXE D 4 . ? 0.10650  -6.99734  7.78919   1.000 25.94829 ? 103 OXE A "H2'3" 1 
HETATM 267 C  C1     . OXE E 4 . ? -4.51967 -6.80824  -2.87112  1.000 31.15900 ? 104 OXE A C1     1 
HETATM 268 C  C2     . OXE E 4 . ? -5.33108 -6.09896  -3.77016  1.000 28.69294 ? 104 OXE A C2     1 
HETATM 269 C  C3     . OXE E 4 . ? -4.95485 -6.05171  -5.12137  1.000 28.59553 ? 104 OXE A C3     1 
HETATM 270 C  C4     . OXE E 4 . ? -3.80921 -6.69587  -5.59608  1.000 27.32961 ? 104 OXE A C4     1 
HETATM 271 C  C5     . OXE E 4 . ? -3.00954 -7.40147  -4.71199  1.000 26.86380 ? 104 OXE A C5     1 
HETATM 272 C  C6     . OXE E 4 . ? -3.36841 -7.44720  -3.36179  1.000 31.55374 ? 104 OXE A C6     1 
HETATM 273 C  "C1'"  . OXE E 4 . ? -4.89541 -6.86227  -1.41974  1.000 32.49860 ? 104 OXE A "C1'"  1 
HETATM 274 C  "C2'"  . OXE E 4 . ? -6.55876 -5.39663  -3.26936  1.000 27.20855 ? 104 OXE A "C2'"  1 
HETATM 275 H  H3     . OXE E 4 . ? -5.48673 -5.57583  -5.71763  1.000 34.31464 ? 104 OXE A H3     1 
HETATM 276 H  H4     . OXE E 4 . ? -3.58920 -6.64876  -6.49845  1.000 32.79553 ? 104 OXE A H4     1 
HETATM 277 H  H5     . OXE E 4 . ? -2.24451 -7.83964  -5.00800  1.000 32.23656 ? 104 OXE A H5     1 
HETATM 278 H  H6     . OXE E 4 . ? -2.82889 -7.91548  -2.76636  1.000 37.86448 ? 104 OXE A H6     1 
HETATM 279 H  "H1'1" . OXE E 4 . ? -4.96966 -5.97603  -1.03249  1.000 38.99832 ? 104 OXE A "H1'1" 1 
HETATM 280 H  "H1'2" . OXE E 4 . ? -4.23942 -7.34670  -0.89448  1.000 38.99832 ? 104 OXE A "H1'2" 1 
HETATM 281 H  "H1'3" . OXE E 4 . ? -5.74864 -7.30312  -1.28357  1.000 38.99832 ? 104 OXE A "H1'3" 1 
HETATM 282 H  "H2'1" . OXE E 4 . ? -7.16506 -6.00514  -2.81879  1.000 32.65026 ? 104 OXE A "H2'1" 1 
HETATM 283 H  "H2'2" . OXE E 4 . ? -6.34093 -4.69443  -2.63661  1.000 32.65026 ? 104 OXE A "H2'2" 1 
HETATM 284 H  "H2'3" . OXE E 4 . ? -7.05801 -4.98248  -3.99056  1.000 32.65026 ? 104 OXE A "H2'3" 1 
HETATM 285 C  C1     A OXE F 4 . ? -1.11315 7.16072   1.07932   0.549 20.51301 ? 105 OXE A C1     1 
HETATM 286 C  C1     B OXE F 4 . ? -2.14813 7.20090   0.75170   0.451 28.22707 ? 105 OXE A C1     1 
HETATM 287 C  C2     A OXE F 4 . ? -1.12403 5.74759   1.16263   0.549 18.33902 ? 105 OXE A C2     1 
HETATM 288 C  C2     B OXE F 4 . ? -1.04539 6.42100   1.14677   0.451 29.95621 ? 105 OXE A C2     1 
HETATM 289 C  C3     A OXE F 4 . ? -2.28072 5.05777   0.82132   0.549 16.44940 ? 105 OXE A C3     1 
HETATM 290 C  C3     B OXE F 4 . ? -1.17073 5.03499   1.17250   0.451 29.60352 ? 105 OXE A C3     1 
HETATM 291 C  C4     A OXE F 4 . ? -3.42528 5.72021   0.39715   0.549 18.20743 ? 105 OXE A C4     1 
HETATM 292 C  C4     B OXE F 4 . ? -2.35861 4.41357   0.81875   0.451 25.98215 ? 105 OXE A C4     1 
HETATM 293 C  C5     A OXE F 4 . ? -3.41923 7.10469   0.31256   0.549 20.49453 ? 105 OXE A C5     1 
HETATM 294 C  C5     B OXE F 4 . ? -3.44639 5.17728   0.42718   0.451 27.29797 ? 105 OXE A C5     1 
HETATM 295 C  C6     A OXE F 4 . ? -2.27312 7.81004   0.65667   0.549 19.75500 ? 105 OXE A C6     1 
HETATM 296 C  C6     B OXE F 4 . ? -3.33258 6.56021   0.39572   0.451 26.92165 ? 105 OXE A C6     1 
HETATM 297 C  "C1'"  A OXE F 4 . ? 0.09996  7.98145   1.43953   0.549 23.43170 ? 105 OXE A "C1'"  1 
HETATM 298 C  "C1'"  B OXE F 4 . ? -2.05629 8.70062   0.71163   0.451 26.67688 ? 105 OXE A "C1'"  1 
HETATM 299 C  "C2'"  A OXE F 4 . ? 0.07621  4.97631   1.61339   0.549 19.18914 ? 105 OXE A "C2'"  1 
HETATM 300 C  "C2'"  B OXE F 4 . ? 0.25223  7.06699   1.54093   0.451 28.80082 ? 105 OXE A "C2'"  1 
HETATM 301 H  H3     A OXE F 4 . ? -2.28587 4.12959   0.87923   0.549 19.73928 ? 105 OXE A H3     1 
HETATM 302 H  H3     B OXE F 4 . ? -0.44233 4.51841   1.43228   0.451 35.52422 ? 105 OXE A H3     1 
HETATM 303 H  H4     A OXE F 4 . ? -4.18692 5.23599   0.17278   0.549 21.84892 ? 105 OXE A H4     1 
HETATM 304 H  H4     B OXE F 4 . ? -2.42085 3.48604   0.84563   0.451 31.17858 ? 105 OXE A H4     1 
HETATM 305 H  H5     A OXE F 4 . ? -4.17673 7.56263   0.02731   0.549 24.59344 ? 105 OXE A H5     1 
HETATM 306 H  H5     B OXE F 4 . ? -4.24763 4.77097   0.18671   0.451 32.75756 ? 105 OXE A H5     1 
HETATM 307 H  H6     A OXE F 4 . ? -2.27667 8.73859   0.60482   0.549 23.70600 ? 105 OXE A H6     1 
HETATM 308 H  H6     B OXE F 4 . ? -4.06211 7.07284   0.13137   0.451 32.30598 ? 105 OXE A H6     1 
HETATM 309 H  "H1'1" A OXE F 4 . ? 0.37298  7.83830   2.35925   0.549 28.11804 ? 105 OXE A "H1'1" 1 
HETATM 310 H  "H1'1" B OXE F 4 . ? -1.81444 9.07101   1.57490   0.451 32.01225 ? 105 OXE A "H1'1" 1 
HETATM 311 H  "H1'2" A OXE F 4 . ? -0.06364 8.93209   1.33748   0.549 28.11804 ? 105 OXE A "H1'2" 1 
HETATM 312 H  "H1'2" B OXE F 4 . ? -2.89860 9.10747   0.45493   0.451 32.01225 ? 105 OXE A "H1'2" 1 
HETATM 313 H  "H1'3" A OXE F 4 . ? 0.86239  7.76380   0.88075   0.549 28.11804 ? 105 OXE A "H1'3" 1 
HETATM 314 H  "H1'3" B OXE F 4 . ? -1.38960 9.00495   0.07617   0.451 32.01225 ? 105 OXE A "H1'3" 1 
HETATM 315 H  "H2'1" A OXE F 4 . ? 0.85961  5.18194   1.07964   0.549 23.02696 ? 105 OXE A "H2'1" 1 
HETATM 316 H  "H2'1" B OXE F 4 . ? 0.60873  7.62453   0.83173   0.451 34.56099 ? 105 OXE A "H2'1" 1 
HETATM 317 H  "H2'2" A OXE F 4 . ? 0.30430  5.16907   2.53629   0.549 23.02696 ? 105 OXE A "H2'2" 1 
HETATM 318 H  "H2'2" B OXE F 4 . ? 0.15176  7.63306   2.32219   0.451 34.56099 ? 105 OXE A "H2'2" 1 
HETATM 319 H  "H2'3" A OXE F 4 . ? -0.06497 4.01866   1.55111   0.549 23.02696 ? 105 OXE A "H2'3" 1 
HETATM 320 H  "H2'3" B OXE F 4 . ? 0.93339  6.40995   1.75353   0.451 34.56099 ? 105 OXE A "H2'3" 1 
# 
loop_
_atom_site_anisotrop.id 
_atom_site_anisotrop.type_symbol 
_atom_site_anisotrop.pdbx_label_atom_id 
_atom_site_anisotrop.pdbx_label_alt_id 
_atom_site_anisotrop.pdbx_label_comp_id 
_atom_site_anisotrop.pdbx_label_asym_id 
_atom_site_anisotrop.pdbx_label_seq_id 
_atom_site_anisotrop.pdbx_PDB_ins_code 
_atom_site_anisotrop.U[1][1] 
_atom_site_anisotrop.U[2][2] 
_atom_site_anisotrop.U[3][3] 
_atom_site_anisotrop.U[1][2] 
_atom_site_anisotrop.U[1][3] 
_atom_site_anisotrop.U[2][3] 
_atom_site_anisotrop.pdbx_auth_seq_id 
_atom_site_anisotrop.pdbx_auth_comp_id 
_atom_site_anisotrop.pdbx_auth_asym_id 
_atom_site_anisotrop.pdbx_auth_atom_id 
1   N  N     . LEU A 1 ? 0.08699 0.10683 0.09818 -0.00234 0.00252  0.02819  2   LEU A N     
2   C  CA    . LEU A 1 ? 0.08519 0.09198 0.07554 -0.00382 0.00131  0.01229  2   LEU A CA    
3   C  C     . LEU A 1 ? 0.07721 0.07947 0.07712 -0.00883 0.00789  -0.00401 2   LEU A C     
4   O  O     . LEU A 1 ? 0.09036 0.07848 0.07587 -0.00202 0.00722  0.01206  2   LEU A O     
5   C  CB    . LEU A 1 ? 0.11504 0.10629 0.07147 0.00649  -0.01176 0.00240  2   LEU A CB    
6   C  CG    . LEU A 1 ? 0.13833 0.10485 0.07382 -0.00133 -0.02129 -0.00554 2   LEU A CG    
7   C  CD1   . LEU A 1 ? 0.14100 0.11487 0.10263 -0.02979 -0.03386 0.00550  2   LEU A CD1   
8   C  CD2   . LEU A 1 ? 0.17871 0.11109 0.09760 -0.00882 -0.02810 -0.01527 2   LEU A CD2   
20  N  N     . AIB A 2 ? 0.09621 0.08108 0.06141 -0.00908 0.00277  0.00877  3   AIB A N     
21  C  CA    . AIB A 2 ? 0.08399 0.09325 0.07756 -0.00439 -0.00019 0.00608  3   AIB A CA    
22  C  C     . AIB A 2 ? 0.07577 0.09061 0.07313 0.00177  0.00497  0.00622  3   AIB A C     
23  O  O     . AIB A 2 ? 0.10039 0.09415 0.07326 0.00410  0.01499  0.00459  3   AIB A O     
24  C  CB1   . AIB A 2 ? 0.10672 0.10443 0.07685 0.01403  0.00874  0.00169  3   AIB A CB1   
25  C  CB2   . AIB A 2 ? 0.08309 0.11695 0.08296 0.00055  0.00783  -0.00449 3   AIB A CB2   
33  N  N     A SER A 3 ? 0.09296 0.08245 0.07269 0.00481  0.00655  -0.00297 4   SER A N     
34  N  N     B SER A 3 ? 0.08007 0.08652 0.07131 0.00089  0.00363  0.00492  4   SER A N     
35  C  CA    A SER A 3 ? 0.10554 0.10602 0.08274 -0.01696 -0.00198 -0.01231 4   SER A CA    
36  C  CA    B SER A 3 ? 0.08401 0.08282 0.07207 0.00087  0.00407  0.00264  4   SER A CA    
37  C  C     A SER A 3 ? 0.11642 0.08687 0.07061 -0.01863 0.01659  -0.00111 4   SER A C     
38  C  C     B SER A 3 ? 0.08622 0.08188 0.07459 -0.00065 0.00460  0.00076  4   SER A C     
39  O  O     A SER A 3 ? 0.10949 0.09166 0.08465 -0.01034 0.00904  -0.00920 4   SER A O     
40  O  O     B SER A 3 ? 0.08558 0.08198 0.07574 -0.00049 0.00464  0.00004  4   SER A O     
41  C  CB    A SER A 3 ? 0.14731 0.12447 0.10052 -0.07644 0.01411  -0.01332 4   SER A CB    
42  C  CB    B SER A 3 ? 0.08827 0.07925 0.06758 0.00199  0.00256  0.00393  4   SER A CB    
43  O  OG    A SER A 3 ? 0.13884 0.13029 0.12847 -0.05351 0.02406  -0.01802 4   SER A OG    
44  O  OG    B SER A 3 ? 0.09293 0.07554 0.06383 0.00409  -0.00274 0.00568  4   SER A OG    
55  N  N     . 200 A 4 ? 0.08972 0.08212 0.07426 -0.00240 0.00555  -0.00017 5   200 A N     
56  C  CA    . 200 A 4 ? 0.09361 0.08931 0.08118 0.00277  0.00476  -0.00599 5   200 A CA    
57  C  C     . 200 A 4 ? 0.08153 0.08997 0.06811 0.00141  0.00717  0.00191  5   200 A C     
58  O  O     . 200 A 4 ? 0.10027 0.10164 0.09639 -0.00036 0.01495  0.00275  5   200 A O     
59  C  CB    . 200 A 4 ? 0.10078 0.09788 0.08694 0.01063  -0.00231 -0.00569 5   200 A CB    
60  C  CG    . 200 A 4 ? 0.12324 0.10228 0.11618 0.00636  -0.00164 -0.00555 5   200 A CG    
61  C  CD1   . 200 A 4 ? 0.12943 0.10423 0.08724 0.00727  -0.00820 -0.00395 5   200 A CD1   
62  C  CD2   . 200 A 4 ? 0.15851 0.10720 0.12079 0.01183  -0.00445 0.00451  5   200 A CD2   
63  C  CE1   . 200 A 4 ? 0.16243 0.09888 0.12789 0.03075  -0.02024 -0.00344 5   200 A CE1   
64  C  CE2   . 200 A 4 ? 0.17783 0.10843 0.13595 0.02405  -0.01238 0.01534  5   200 A CE2   
65  C  CZ    . 200 A 4 ? 0.17714 0.10772 0.16954 0.04699  -0.00748 0.02207  5   200 A CZ    
66  CL CL    . 200 A 4 ? 0.23941 0.11656 0.18503 0.03228  0.03472  0.04283  5   200 A CL    
75  N  N     . LEU A 5 ? 0.08587 0.08902 0.07461 0.00386  0.00867  0.00129  6   LEU A N     
76  C  CA    . LEU A 5 ? 0.10056 0.09139 0.08155 -0.00757 0.01766  -0.00627 6   LEU A CA    
77  C  C     . LEU A 5 ? 0.10440 0.08867 0.06772 -0.00378 0.01640  0.00371  6   LEU A C     
78  O  O     . LEU A 5 ? 0.09821 0.10106 0.09553 -0.00581 0.00780  0.01189  6   LEU A O     
79  C  CB    . LEU A 5 ? 0.11195 0.09142 0.09533 -0.00155 0.00853  -0.01665 6   LEU A CB    
80  C  CG    . LEU A 5 ? 0.14512 0.09747 0.10841 -0.00437 -0.00578 -0.01882 6   LEU A CG    
81  C  CD1   . LEU A 5 ? 0.16080 0.12864 0.11236 -0.03386 0.00062  -0.02285 6   LEU A CD1   
82  C  CD2   . LEU A 5 ? 0.15315 0.10457 0.13468 0.00282  -0.03421 -0.03469 6   LEU A CD2   
94  N  N     . MET A 6 ? 0.08944 0.09077 0.07399 -0.00763 0.01483  0.00335  7   MET A N     
95  C  CA    . MET A 6 ? 0.08769 0.10820 0.07581 0.01112  0.00888  0.01614  7   MET A CA    
96  C  C     . MET A 6 ? 0.08473 0.11290 0.06697 0.01042  0.00779  0.00713  7   MET A C     
97  O  O     . MET A 6 ? 0.08467 0.12514 0.07249 0.01038  -0.00227 0.00591  7   MET A O     
98  C  CB    . MET A 6 ? 0.10605 0.13381 0.09454 0.01162  0.02094  -0.00255 7   MET A CB    
99  C  CG    . MET A 6 ? 0.09371 0.13376 0.09213 0.01349  0.01149  -0.00004 7   MET A CG    
100 S  SD    . MET A 6 ? 0.10772 0.15437 0.11261 0.00617  0.02411  -0.00763 7   MET A SD    
101 C  CE    . MET A 6 ? 0.10877 0.16099 0.09324 0.02320  0.01091  -0.00990 7   MET A CE    
111 N  N     . GLN A 7 ? 0.09475 0.09272 0.06812 0.01369  0.00234  0.01051  8   GLN A N     
112 C  CA    . GLN A 7 ? 0.07150 0.09096 0.06824 -0.00022 0.00175  -0.00123 8   GLN A CA    
113 C  C     . GLN A 7 ? 0.07594 0.10404 0.08152 0.01024  -0.00725 0.00000  8   GLN A C     
114 O  O     . GLN A 7 ? 0.08194 0.10172 0.06793 0.01126  -0.01218 0.00092  8   GLN A O     
115 C  CB    . GLN A 7 ? 0.08909 0.08483 0.06617 -0.01262 -0.00234 -0.00207 8   GLN A CB    
116 C  CG    . GLN A 7 ? 0.10082 0.08447 0.08652 0.00290  -0.00725 0.01375  8   GLN A CG    
117 C  CD    . GLN A 7 ? 0.08250 0.08684 0.09077 0.00319  0.00217  0.02216  8   GLN A CD    
118 O  OE1   . GLN A 7 ? 0.09930 0.08239 0.07101 0.00593  0.00109  -0.00877 8   GLN A OE1   
119 N  NE2   . GLN A 7 ? 0.10059 0.10008 0.06193 0.01273  -0.01862 -0.00239 8   GLN A NE2   
128 N  N     . AIB A 8 ? 0.08089 0.09835 0.06195 0.00552  -0.00018 0.01249  9   AIB A N     
129 C  CA    . AIB A 8 ? 0.08633 0.09784 0.08473 0.00448  0.00220  0.00885  9   AIB A CA    
130 C  C     . AIB A 8 ? 0.11412 0.08784 0.07724 0.00830  -0.00081 0.01318  9   AIB A C     
131 O  O     . AIB A 8 ? 0.12561 0.11020 0.08689 0.00935  0.00476  0.01985  9   AIB A O     
132 C  CB1   . AIB A 8 ? 0.09475 0.12215 0.09380 -0.01310 0.01228  0.01925  9   AIB A CB1   
133 C  CB2   . AIB A 8 ? 0.10663 0.08718 0.08529 0.00129  -0.01029 -0.00163 9   AIB A CB2   
141 N  N     . LEU A 9 ? 0.08427 0.08901 0.08032 0.01109  -0.00327 0.00863  10  LEU A N     
142 C  CA    . LEU A 9 ? 0.09836 0.09717 0.09626 0.01603  -0.02147 -0.01211 10  LEU A CA    
143 C  C     . LEU A 9 ? 0.09642 0.10576 0.11022 -0.00503 -0.02934 -0.00627 10  LEU A C     
144 O  O     . LEU A 9 ? 0.11003 0.10021 0.13956 0.00878  -0.04488 -0.01556 10  LEU A O     
145 C  CB    . LEU A 9 ? 0.10649 0.13323 0.14748 0.02573  -0.04132 -0.03229 10  LEU A CB    
146 C  CG    . LEU A 9 ? 0.18690 0.14037 0.15233 0.04388  -0.03618 -0.06823 10  LEU A CG    
147 C  CD1   . LEU A 9 ? 0.17396 0.17658 0.34676 0.03920  -0.03743 -0.12168 10  LEU A CD1   
148 C  CD2   . LEU A 9 ? 0.37090 0.11014 0.19466 0.02449  -0.00041 -0.03858 10  LEU A CD2   
160 C  C11   . I77 B . ? 0.12055 0.08204 0.08632 -0.00646 0.00351  -0.00463 101 I77 A C11   
161 C  C12   . I77 B . ? 0.09646 0.08777 0.08518 0.00075  -0.01641 0.01358  101 I77 A C12   
162 C  C13   . I77 B . ? 0.09144 0.08424 0.08392 -0.00540 -0.02347 0.01605  101 I77 A C13   
163 C  C17   . I77 B . ? 0.08801 0.09345 0.08404 0.00614  -0.00405 0.00791  101 I77 A C17   
164 C  C18   . I77 B . ? 0.08111 0.09048 0.09151 0.00351  -0.01045 0.00984  101 I77 A C18   
165 C  C02   . I77 B . ? 0.08997 0.08958 0.09664 0.00086  -0.02910 0.00081  101 I77 A C02   
166 C  C03   . I77 B . ? 0.08172 0.07708 0.09120 0.00744  -0.01373 0.00522  101 I77 A C03   
167 C  C04   . I77 B . ? 0.09909 0.07594 0.11248 -0.00690 -0.00010 0.00890  101 I77 A C04   
168 C  C05   . I77 B . ? 0.11185 0.08446 0.09999 0.00146  0.00682  0.00229  101 I77 A C05   
169 C  C06   . I77 B . ? 0.08119 0.07962 0.08389 -0.00445 -0.00083 0.00171  101 I77 A C06   
170 C  C08   . I77 B . ? 0.08131 0.08162 0.09117 0.00644  -0.00659 0.01358  101 I77 A C08   
171 C  C09   . I77 B . ? 0.08160 0.09108 0.09723 0.00180  -0.01391 0.02124  101 I77 A C09   
172 N  N01   . I77 B . ? 0.08057 0.05958 0.09515 0.00260  0.00099  0.01137  101 I77 A N01   
173 N  N07   . I77 B . ? 0.08773 0.09032 0.09245 -0.00359 -0.00086 -0.00160 101 I77 A N07   
174 N  N10   . I77 B . ? 0.12041 0.09252 0.09207 0.00074  0.00950  -0.00004 101 I77 A N10   
175 N  N14   . I77 B . ? 0.09709 0.08418 0.08963 -0.01207 -0.00699 0.01162  101 I77 A N14   
176 N  N15   . I77 B . ? 0.09474 0.07228 0.09758 -0.00778 -0.00116 0.01318  101 I77 A N15   
177 O  O16   . I77 B . ? 0.15175 0.09418 0.08238 -0.03016 -0.00858 0.00632  101 I77 A O16   
178 O  O19   . I77 B . ? 0.10619 0.11579 0.11882 0.00806  -0.00262 -0.02583 101 I77 A O19   
189 C  C05   A I6W C . ? 0.11027 0.10751 0.12792 -0.00853 -0.05020 0.03479  102 I6W A C05   
190 C  C05   B I6W C . ? 0.07674 0.11281 0.12725 -0.03818 -0.04238 0.05393  102 I6W A C05   
191 C  C08   A I6W C . ? 0.13228 0.10629 0.10024 -0.01002 0.00407  0.00993  102 I6W A C08   
192 C  C08   B I6W C . ? 0.10853 0.10914 0.14803 -0.03501 -0.06042 0.06323  102 I6W A C08   
193 C  C09   A I6W C . ? 0.12343 0.11173 0.08944 0.00278  -0.00848 0.01724  102 I6W A C09   
194 C  C09   B I6W C . ? 0.13372 0.12060 0.14578 -0.03873 -0.07335 0.05704  102 I6W A C09   
195 N  N10   A I6W C . ? 0.11726 0.11209 0.09146 -0.00798 -0.03766 0.03479  102 I6W A N10   
196 N  N10   B I6W C . ? 0.15652 0.12525 0.15953 -0.04250 -0.08639 0.05544  102 I6W A N10   
197 C  C02   A I6W C . ? 0.05828 0.09373 0.12679 0.00789  -0.00705 0.00880  102 I6W A C02   
198 C  C02   B I6W C . ? 0.12518 0.09636 0.10466 -0.02087 -0.01134 0.02322  102 I6W A C02   
199 C  C03   A I6W C . ? 0.09413 0.12066 0.15871 -0.00924 -0.00035 0.01053  102 I6W A C03   
200 C  C03   B I6W C . ? 0.09812 0.10501 0.08828 -0.02532 -0.01912 0.05427  102 I6W A C03   
201 C  C04   A I6W C . ? 0.12153 0.11100 0.12337 -0.00524 -0.04959 0.01460  102 I6W A C04   
202 C  C04   B I6W C . ? 0.08588 0.10591 0.11781 -0.03108 -0.03151 0.05034  102 I6W A C04   
203 C  C06   A I6W C . ? 0.13675 0.11344 0.15151 -0.00944 0.03030  -0.01381 102 I6W A C06   
204 C  C06   B I6W C . ? 0.10607 0.09548 0.12265 -0.01525 -0.02799 0.04563  102 I6W A C06   
205 C  C11   A I6W C . ? 0.15188 0.10982 0.11090 0.00214  -0.05968 0.02470  102 I6W A C11   
206 C  C11   B I6W C . ? 0.14408 0.12723 0.16940 -0.03744 -0.08568 0.05512  102 I6W A C11   
207 C  C12   A I6W C . ? 0.17503 0.11467 0.12911 -0.00661 -0.03304 0.01752  102 I6W A C12   
208 C  C12   B I6W C . ? 0.13864 0.13287 0.18359 -0.03931 -0.08557 0.06188  102 I6W A C12   
209 C  C13   A I6W C . ? 0.15417 0.10899 0.15694 -0.02187 -0.02234 0.04680  102 I6W A C13   
210 C  C13   B I6W C . ? 0.14860 0.13591 0.17449 -0.02774 -0.06870 0.07583  102 I6W A C13   
211 C  C15   A I6W C . ? 0.21613 0.15342 0.16985 -0.09688 -0.05467 0.05333  102 I6W A C15   
212 C  C15   B I6W C . ? 0.13359 0.12789 0.25912 -0.02639 -0.03636 0.03505  102 I6W A C15   
213 C  C16   A I6W C . ? 0.21047 0.16858 0.20084 -0.10661 -0.03130 0.04004  102 I6W A C16   
214 C  C16   B I6W C . ? 0.13306 0.12528 0.24906 -0.02233 0.01791  0.01429  102 I6W A C16   
215 C  C18   A I6W C . ? 0.15112 0.11907 0.10331 -0.01033 0.00033  0.01956  102 I6W A C18   
216 C  C18   B I6W C . ? 0.13657 0.13798 0.17775 -0.03011 -0.07577 0.01955  102 I6W A C18   
217 C  C19   A I6W C . ? 0.15259 0.12860 0.10381 -0.00699 0.01000  -0.00103 102 I6W A C19   
218 C  C19   B I6W C . ? 0.11436 0.13214 0.13480 -0.03710 -0.05049 0.04680  102 I6W A C19   
219 N  N07   A I6W C . ? 0.16967 0.10866 0.09396 -0.02203 0.04264  -0.00292 102 I6W A N07   
220 N  N07   B I6W C . ? 0.10914 0.10214 0.12331 -0.02263 -0.02778 0.04539  102 I6W A N07   
221 O  O01   A I6W C . ? 0.11623 0.08285 0.08292 0.00465  0.00976  0.00704  102 I6W A O01   
222 O  O01   B I6W C . ? 0.13263 0.08300 0.08878 -0.01455 0.00524  0.01019  102 I6W A O01   
223 O  O14   A I6W C . ? 0.18932 0.13690 0.14717 -0.07583 -0.03906 0.05309  102 I6W A O14   
224 O  O14   B I6W C . ? 0.14562 0.13117 0.22820 -0.00945 -0.07430 0.05376  102 I6W A O14   
225 O  O17   A I6W C . ? 0.11563 0.10787 0.18970 -0.00126 -0.01163 0.06418  102 I6W A O17   
226 O  O17   B I6W C . ? 0.17670 0.16338 0.16172 -0.05351 -0.04687 0.08871  102 I6W A O17   
249 C  C1    . OXE D . ? 0.11747 0.16495 0.21188 -0.01012 0.01716  -0.00337 103 OXE A C1    
250 C  C2    . OXE D . ? 0.17666 0.18206 0.19497 -0.00556 0.03880  -0.07458 103 OXE A C2    
251 C  C3    . OXE D . ? 0.18067 0.18548 0.14414 0.02131  0.03167  -0.04895 103 OXE A C3    
252 C  C4    . OXE D . ? 0.16111 0.18349 0.11860 -0.00786 0.00007  -0.02052 103 OXE A C4    
253 C  C5    . OXE D . ? 0.12461 0.16652 0.13367 -0.01571 0.00635  0.01714  103 OXE A C5    
254 C  C6    . OXE D . ? 0.12116 0.17170 0.14745 0.00317  -0.01438 0.00318  103 OXE A C6    
255 C  "C1'" . OXE D . ? 0.18693 0.17378 0.28629 -0.01166 0.04514  0.00101  103 OXE A "C1'" 
256 C  "C2'" . OXE D . ? 0.27460 0.21111 0.33589 -0.04497 0.05570  -0.12503 103 OXE A "C2'" 
267 C  C1    . OXE E . ? 0.46743 0.30168 0.41480 -0.09262 -0.00816 0.00825  104 OXE A C1    
268 C  C2    . OXE E . ? 0.31803 0.34343 0.42874 -0.10943 -0.03946 -0.08593 104 OXE A C2    
269 C  C3    . OXE E . ? 0.34469 0.35668 0.38514 -0.12024 -0.08320 -0.11211 104 OXE A C3    
270 C  C4    . OXE E . ? 0.35742 0.34712 0.33385 -0.12170 -0.01369 -0.08718 104 OXE A C4    
271 C  C5    . OXE E . ? 0.39480 0.30202 0.32388 -0.09385 0.00672  -0.01872 104 OXE A C5    
272 C  C6    . OXE E . ? 0.49130 0.27489 0.43272 -0.06813 -0.03587 0.02403  104 OXE A C6    
273 C  "C1'" . OXE E . ? 0.46180 0.31053 0.46247 -0.08740 0.05379  0.00550  104 OXE A "C1'" 
274 C  "C2'" . OXE E . ? 0.31937 0.35602 0.35841 -0.12322 0.05266  -0.12944 104 OXE A "C2'" 
285 C  C1    A OXE F . ? 0.36311 0.25697 0.15932 -0.01905 0.03182  0.01950  105 OXE A C1    
286 C  C1    B OXE F . ? 0.40808 0.37961 0.28481 0.00702  0.00759  0.03756  105 OXE A C1    
287 C  C2    A OXE F . ? 0.36903 0.21973 0.10803 0.02948  0.03501  -0.00012 105 OXE A C2    
288 C  C2    B OXE F . ? 0.40478 0.37898 0.35444 -0.00944 -0.00062 0.02281  105 OXE A C2    
289 C  C3    A OXE F . ? 0.34143 0.18425 0.09932 0.03899  0.04057  -0.01221 105 OXE A C3    
290 C  C3    B OXE F . ? 0.42145 0.34664 0.35670 0.00473  -0.00291 0.01055  105 OXE A C3    
291 C  C4    A OXE F . ? 0.35642 0.20438 0.13101 0.05908  0.03178  -0.03215 105 OXE A C4    
292 C  C4    B OXE F . ? 0.38072 0.33973 0.26674 0.03339  -0.00145 0.02103  105 OXE A C4    
293 C  C5    A OXE F . ? 0.33660 0.23979 0.20231 0.02234  0.01312  -0.01038 105 OXE A C5    
294 C  C5    B OXE F . ? 0.38564 0.36119 0.29037 0.04517  0.02028  0.00177  105 OXE A C5    
295 C  C6    A OXE F . ? 0.35290 0.26642 0.13127 -0.02083 0.03025  0.02305  105 OXE A C6    
296 C  C6    B OXE F . ? 0.36206 0.37699 0.28385 0.03829  0.03119  0.01653  105 OXE A C6    
297 C  "C1'" A OXE F . ? 0.29928 0.29027 0.30074 -0.01908 0.02381  0.00809  105 OXE A "C1'" 
298 C  "C1'" B OXE F . ? 0.44304 0.39490 0.17566 -0.00535 0.01427  0.08538  105 OXE A "C1'" 
299 C  "C2'" A OXE F . ? 0.35456 0.19976 0.17478 0.05215  0.04059  0.00751  105 OXE A "C2'" 
300 C  "C2'" B OXE F . ? 0.31793 0.39779 0.37858 -0.01850 0.04711  0.03150  105 OXE A "C2'" 
# 
